data_3OHV
#
_entry.id   3OHV
#
_cell.length_a   55.680
_cell.length_b   96.950
_cell.length_c   82.480
_cell.angle_alpha   90.00
_cell.angle_beta   101.06
_cell.angle_gamma   90.00
#
_symmetry.space_group_name_H-M   'P 1 21 1'
#
loop_
_entity.id
_entity.type
_entity.pdbx_description
1 polymer 'Transcription regulator protein BACH2'
2 water water
#
_entity_poly.entity_id   1
_entity_poly.type   'polypeptide(L)'
_entity_poly.pdbx_seq_one_letter_code
;GPLGSPMYVYESTVHCTNILLGLNDQRKKDILCDVTLIVERKEFRAHRAVLAACSEYFWQALVGQTKNDLVVSLPEEVTA
RGFGPLLQFAYTAKLLLSRENIREVIRCAEFLRMHNLEDSCFSFL
;
_entity_poly.pdbx_strand_id   A,B,C,D,E,F
#
# COMPACT_ATOMS: atom_id res chain seq x y z
N GLY A 1 13.22 10.05 16.39
CA GLY A 1 13.77 10.83 15.25
C GLY A 1 15.27 10.58 15.08
N PRO A 2 15.99 11.57 14.55
CA PRO A 2 17.43 11.35 14.31
C PRO A 2 18.29 11.47 15.58
N LEU A 3 19.54 11.04 15.47
CA LEU A 3 20.53 11.24 16.53
C LEU A 3 21.54 12.16 15.88
N GLY A 4 21.81 13.27 16.57
CA GLY A 4 22.67 14.32 16.05
C GLY A 4 21.88 15.28 15.18
N SER A 5 22.45 16.44 14.92
CA SER A 5 21.86 17.36 13.98
C SER A 5 21.96 16.81 12.56
N PRO A 6 20.81 16.71 11.84
CA PRO A 6 20.86 16.33 10.43
C PRO A 6 21.25 17.54 9.60
N MET A 7 22.53 17.88 9.70
CA MET A 7 23.04 19.16 9.21
C MET A 7 24.04 18.98 8.07
N TYR A 8 24.34 17.73 7.73
CA TYR A 8 25.30 17.43 6.69
C TYR A 8 24.54 17.28 5.40
N VAL A 9 24.71 18.28 4.53
CA VAL A 9 23.85 18.37 3.36
C VAL A 9 24.60 18.27 2.01
N TYR A 10 23.95 17.60 1.08
CA TYR A 10 24.36 17.66 -0.29
C TYR A 10 23.11 17.75 -1.15
N GLU A 11 23.07 18.79 -1.98
CA GLU A 11 22.03 18.95 -2.99
C GLU A 11 22.69 18.98 -4.34
N SER A 12 22.20 18.16 -5.26
CA SER A 12 22.77 18.06 -6.60
C SER A 12 21.92 18.86 -7.57
N THR A 13 22.57 19.76 -8.31
CA THR A 13 21.90 20.64 -9.27
C THR A 13 21.85 20.03 -10.67
N VAL A 14 22.55 18.91 -10.83
CA VAL A 14 22.48 18.12 -12.05
C VAL A 14 21.59 16.88 -11.91
N HIS A 15 21.32 16.44 -10.67
CA HIS A 15 20.68 15.13 -10.49
C HIS A 15 19.38 14.93 -11.29
N CYS A 16 18.43 15.83 -11.13
CA CYS A 16 17.16 15.72 -11.82
C CYS A 16 17.30 15.61 -13.35
N THR A 17 17.93 16.60 -13.96
CA THR A 17 18.28 16.58 -15.35
C THR A 17 18.88 15.25 -15.76
N ASN A 18 19.80 14.73 -14.95
CA ASN A 18 20.47 13.46 -15.24
C ASN A 18 19.46 12.30 -15.25
N ILE A 19 18.53 12.29 -14.28
CA ILE A 19 17.51 11.25 -14.23
C ILE A 19 16.62 11.32 -15.46
N LEU A 20 16.20 12.54 -15.79
CA LEU A 20 15.30 12.72 -16.92
C LEU A 20 15.99 12.32 -18.24
N LEU A 21 17.26 12.67 -18.43
CA LEU A 21 18.01 12.20 -19.61
C LEU A 21 18.09 10.65 -19.67
N GLY A 22 18.22 9.99 -18.50
CA GLY A 22 18.35 8.55 -18.43
C GLY A 22 17.02 7.91 -18.83
N LEU A 23 15.94 8.49 -18.32
CA LEU A 23 14.58 8.14 -18.69
C LEU A 23 14.25 8.34 -20.18
N ASN A 24 14.61 9.50 -20.73
CA ASN A 24 14.38 9.71 -22.13
C ASN A 24 15.16 8.71 -22.96
N ASP A 25 16.36 8.39 -22.50
CA ASP A 25 17.23 7.42 -23.19
C ASP A 25 16.61 6.01 -23.19
N GLN A 26 16.13 5.61 -22.01
CA GLN A 26 15.38 4.38 -21.82
C GLN A 26 14.19 4.35 -22.79
N ARG A 27 13.47 5.47 -22.89
CA ARG A 27 12.31 5.56 -23.77
C ARG A 27 12.66 5.31 -25.23
N LYS A 28 13.74 5.93 -25.71
CA LYS A 28 14.12 5.86 -27.14
C LYS A 28 14.70 4.51 -27.54
N LYS A 29 15.42 3.88 -26.61
CA LYS A 29 15.97 2.54 -26.81
C LYS A 29 14.88 1.49 -26.60
N ASP A 30 13.74 1.90 -26.05
CA ASP A 30 12.75 0.96 -25.54
C ASP A 30 13.35 -0.10 -24.61
N ILE A 31 14.00 0.33 -23.53
CA ILE A 31 14.56 -0.54 -22.49
C ILE A 31 14.04 -0.01 -21.15
N LEU A 32 13.66 -0.88 -20.22
CA LEU A 32 13.11 -0.49 -18.89
C LEU A 32 11.81 0.31 -18.93
N CYS A 33 11.18 0.34 -20.12
CA CYS A 33 9.85 0.91 -20.29
C CYS A 33 8.80 -0.10 -19.83
N ASP A 34 7.54 0.33 -19.75
CA ASP A 34 6.52 -0.52 -19.15
C ASP A 34 5.12 -0.35 -19.74
N VAL A 35 4.87 0.74 -20.45
CA VAL A 35 3.59 0.87 -21.14
C VAL A 35 3.77 1.16 -22.65
N THR A 36 2.87 0.66 -23.49
CA THR A 36 2.82 1.03 -24.90
C THR A 36 1.58 1.86 -25.17
N LEU A 37 1.77 3.09 -25.62
CA LEU A 37 0.63 3.98 -25.95
C LEU A 37 0.31 3.84 -27.42
N ILE A 38 -0.96 3.66 -27.71
CA ILE A 38 -1.44 3.66 -29.10
C ILE A 38 -2.15 5.01 -29.36
N VAL A 39 -1.61 5.78 -30.27
CA VAL A 39 -2.11 7.11 -30.58
C VAL A 39 -2.21 7.20 -32.10
N GLU A 40 -3.46 7.30 -32.57
CA GLU A 40 -3.76 7.32 -34.00
C GLU A 40 -3.01 6.20 -34.71
N ARG A 41 -3.18 4.99 -34.18
CA ARG A 41 -2.53 3.79 -34.73
C ARG A 41 -0.96 3.80 -34.71
N LYS A 42 -0.34 4.79 -34.05
CA LYS A 42 1.13 4.79 -33.82
C LYS A 42 1.45 4.29 -32.42
N GLU A 43 2.59 3.64 -32.26
CA GLU A 43 2.99 3.09 -30.97
C GLU A 43 4.01 4.01 -30.32
N PHE A 44 3.83 4.31 -29.04
CA PHE A 44 4.86 5.02 -28.29
C PHE A 44 5.15 4.24 -26.99
N ARG A 45 6.39 3.80 -26.81
CA ARG A 45 6.83 3.21 -25.54
C ARG A 45 7.12 4.29 -24.48
N ALA A 46 6.72 4.08 -23.25
CA ALA A 46 6.99 5.02 -22.15
C ALA A 46 6.98 4.32 -20.79
N HIS A 47 6.96 5.11 -19.71
CA HIS A 47 6.87 4.62 -18.35
C HIS A 47 5.58 5.19 -17.78
N ARG A 48 4.70 4.32 -17.30
CA ARG A 48 3.42 4.76 -16.74
C ARG A 48 3.58 5.72 -15.57
N ALA A 49 4.65 5.52 -14.81
CA ALA A 49 4.91 6.37 -13.63
C ALA A 49 5.24 7.79 -14.07
N VAL A 50 6.02 7.90 -15.14
CA VAL A 50 6.36 9.21 -15.71
C VAL A 50 5.16 9.93 -16.33
N LEU A 51 4.35 9.21 -17.10
CA LEU A 51 3.12 9.79 -17.65
C LEU A 51 2.18 10.28 -16.53
N ALA A 52 2.02 9.46 -15.50
CA ALA A 52 1.14 9.80 -14.37
C ALA A 52 1.63 11.04 -13.61
N ALA A 53 2.93 11.32 -13.66
CA ALA A 53 3.45 12.46 -12.91
C ALA A 53 3.32 13.79 -13.66
N CYS A 54 3.26 13.68 -15.00
N CYS A 54 3.28 13.76 -15.00
CA CYS A 54 3.20 14.84 -15.92
CA CYS A 54 3.09 15.03 -15.73
C CYS A 54 1.78 15.20 -16.33
C CYS A 54 1.70 15.27 -16.24
N SER A 55 0.88 14.22 -16.34
CA SER A 55 -0.47 14.40 -16.89
C SER A 55 -1.60 13.86 -16.00
N GLU A 56 -2.59 14.70 -15.70
CA GLU A 56 -3.77 14.30 -14.92
C GLU A 56 -4.61 13.23 -15.62
N TYR A 57 -4.77 13.37 -16.93
CA TYR A 57 -5.41 12.33 -17.73
C TYR A 57 -4.69 11.00 -17.62
N PHE A 58 -3.35 11.01 -17.66
CA PHE A 58 -2.61 9.77 -17.56
C PHE A 58 -2.58 9.25 -16.11
N TRP A 59 -2.46 10.15 -15.15
CA TRP A 59 -2.60 9.76 -13.73
C TRP A 59 -3.82 8.86 -13.56
N GLN A 60 -4.98 9.35 -13.99
CA GLN A 60 -6.25 8.72 -13.66
C GLN A 60 -6.56 7.51 -14.55
N ALA A 61 -5.96 7.45 -15.73
CA ALA A 61 -6.08 6.27 -16.55
C ALA A 61 -5.19 5.14 -16.03
N LEU A 62 -4.11 5.49 -15.31
CA LEU A 62 -3.06 4.52 -15.03
C LEU A 62 -2.90 4.08 -13.60
N VAL A 63 -3.29 4.90 -12.63
CA VAL A 63 -3.21 4.47 -11.23
C VAL A 63 -4.02 3.19 -11.08
N GLY A 64 -3.45 2.22 -10.37
CA GLY A 64 -4.11 0.91 -10.16
C GLY A 64 -3.85 -0.12 -11.24
N GLN A 65 -3.18 0.27 -12.34
CA GLN A 65 -2.76 -0.69 -13.34
C GLN A 65 -1.45 -1.30 -12.85
N THR A 66 -1.54 -2.54 -12.40
CA THR A 66 -0.46 -3.26 -11.75
C THR A 66 0.21 -4.27 -12.71
N LYS A 67 -0.43 -4.47 -13.84
CA LYS A 67 -0.07 -5.49 -14.80
C LYS A 67 1.23 -5.12 -15.52
N ASN A 68 1.99 -6.12 -15.90
CA ASN A 68 3.28 -5.93 -16.59
C ASN A 68 3.16 -5.46 -18.05
N ASP A 69 2.57 -6.29 -18.90
CA ASP A 69 2.35 -5.93 -20.30
C ASP A 69 1.16 -4.97 -20.30
N LEU A 70 1.39 -3.70 -20.62
CA LEU A 70 0.29 -2.75 -20.61
C LEU A 70 0.21 -1.97 -21.93
N VAL A 71 -0.93 -2.06 -22.59
CA VAL A 71 -1.15 -1.28 -23.80
C VAL A 71 -2.34 -0.36 -23.55
N VAL A 72 -2.18 0.93 -23.88
CA VAL A 72 -3.20 1.91 -23.60
C VAL A 72 -3.56 2.63 -24.87
N SER A 73 -4.82 2.47 -25.28
N SER A 73 -4.82 2.53 -25.28
CA SER A 73 -5.37 3.12 -26.44
CA SER A 73 -5.25 3.10 -26.55
C SER A 73 -5.91 4.47 -26.05
C SER A 73 -6.03 4.39 -26.38
N LEU A 74 -5.35 5.52 -26.64
CA LEU A 74 -5.89 6.86 -26.45
C LEU A 74 -7.03 7.13 -27.42
N PRO A 75 -8.01 7.94 -27.00
CA PRO A 75 -9.17 8.22 -27.88
C PRO A 75 -8.81 9.12 -29.04
N GLU A 76 -9.79 9.36 -29.90
CA GLU A 76 -9.59 10.06 -31.17
C GLU A 76 -9.20 11.52 -31.01
N GLU A 77 -9.41 12.09 -29.82
CA GLU A 77 -8.97 13.45 -29.54
C GLU A 77 -7.44 13.59 -29.63
N VAL A 78 -6.73 12.49 -29.35
CA VAL A 78 -5.28 12.51 -29.29
C VAL A 78 -4.75 12.06 -30.63
N THR A 79 -4.17 13.00 -31.38
CA THR A 79 -3.53 12.73 -32.69
C THR A 79 -2.03 12.56 -32.50
N ALA A 80 -1.36 11.90 -33.43
CA ALA A 80 0.08 11.68 -33.33
C ALA A 80 0.83 13.00 -33.43
N ARG A 81 0.26 13.95 -34.17
CA ARG A 81 0.89 15.26 -34.39
C ARG A 81 0.87 16.13 -33.17
N GLY A 82 -0.20 16.01 -32.38
CA GLY A 82 -0.39 16.85 -31.20
C GLY A 82 0.23 16.24 -29.97
N PHE A 83 0.41 14.92 -29.96
CA PHE A 83 0.92 14.20 -28.80
C PHE A 83 2.44 14.08 -28.81
N GLY A 84 3.01 13.75 -29.97
CA GLY A 84 4.47 13.68 -30.15
C GLY A 84 5.32 14.68 -29.36
N PRO A 85 5.10 16.00 -29.56
CA PRO A 85 5.87 17.01 -28.83
C PRO A 85 5.57 17.03 -27.32
N LEU A 86 4.39 16.57 -26.95
CA LEU A 86 4.02 16.54 -25.53
C LEU A 86 4.73 15.44 -24.78
N LEU A 87 4.78 14.26 -25.38
CA LEU A 87 5.51 13.14 -24.82
C LEU A 87 6.99 13.52 -24.69
N GLN A 88 7.51 14.16 -25.74
CA GLN A 88 8.88 14.68 -25.70
C GLN A 88 9.06 15.74 -24.62
N PHE A 89 8.06 16.59 -24.43
CA PHE A 89 8.12 17.57 -23.34
C PHE A 89 8.28 16.89 -22.00
N ALA A 90 7.39 15.93 -21.75
CA ALA A 90 7.36 15.12 -20.54
C ALA A 90 8.75 14.53 -20.25
N TYR A 91 9.50 14.26 -21.29
CA TYR A 91 10.75 13.53 -21.14
C TYR A 91 12.00 14.40 -21.17
N THR A 92 11.82 15.69 -21.38
CA THR A 92 12.95 16.60 -21.56
C THR A 92 12.75 17.99 -20.99
N ALA A 93 11.51 18.36 -20.65
CA ALA A 93 11.25 19.71 -20.13
C ALA A 93 11.30 20.78 -21.22
N LYS A 94 11.40 20.34 -22.47
CA LYS A 94 11.46 21.28 -23.59
C LYS A 94 10.34 21.00 -24.60
N LEU A 95 9.67 22.06 -25.02
CA LEU A 95 8.59 22.00 -25.99
C LEU A 95 8.93 22.94 -27.14
N LEU A 96 9.05 22.38 -28.34
CA LEU A 96 9.36 23.16 -29.52
C LEU A 96 8.19 23.08 -30.50
N LEU A 97 7.59 24.22 -30.81
CA LEU A 97 6.42 24.31 -31.71
C LEU A 97 6.60 25.34 -32.80
N SER A 98 5.82 25.22 -33.87
CA SER A 98 5.75 26.24 -34.90
C SER A 98 4.29 26.58 -35.22
N ARG A 99 4.07 27.50 -36.15
CA ARG A 99 2.70 27.84 -36.56
C ARG A 99 1.93 26.62 -37.10
N GLU A 100 2.68 25.64 -37.62
CA GLU A 100 2.10 24.48 -38.29
C GLU A 100 1.39 23.53 -37.34
N ASN A 101 1.94 23.35 -36.14
CA ASN A 101 1.38 22.35 -35.24
C ASN A 101 0.91 22.85 -33.89
N ILE A 102 1.08 24.15 -33.61
CA ILE A 102 0.86 24.68 -32.27
C ILE A 102 -0.55 24.43 -31.75
N ARG A 103 -1.55 24.80 -32.55
CA ARG A 103 -2.93 24.63 -32.16
C ARG A 103 -3.21 23.17 -31.81
N GLU A 104 -2.78 22.27 -32.69
CA GLU A 104 -2.94 20.83 -32.51
C GLU A 104 -2.28 20.34 -31.21
N VAL A 105 -1.07 20.83 -30.94
CA VAL A 105 -0.39 20.42 -29.73
C VAL A 105 -1.05 20.99 -28.48
N ILE A 106 -1.43 22.28 -28.52
CA ILE A 106 -2.05 22.96 -27.39
C ILE A 106 -3.36 22.28 -27.04
N ARG A 107 -4.21 22.07 -28.03
CA ARG A 107 -5.47 21.33 -27.85
C ARG A 107 -5.26 19.96 -27.20
N CYS A 108 -4.23 19.25 -27.65
CA CYS A 108 -3.89 17.96 -27.07
C CYS A 108 -3.37 18.10 -25.64
N ALA A 109 -2.68 19.20 -25.32
CA ALA A 109 -2.19 19.42 -23.96
C ALA A 109 -3.32 19.68 -22.97
N GLU A 110 -4.38 20.35 -23.41
CA GLU A 110 -5.54 20.62 -22.55
C GLU A 110 -6.29 19.33 -22.25
N PHE A 111 -6.50 18.52 -23.28
CA PHE A 111 -7.18 17.23 -23.12
C PHE A 111 -6.45 16.33 -22.11
N LEU A 112 -5.12 16.21 -22.28
CA LEU A 112 -4.28 15.41 -21.37
C LEU A 112 -4.06 16.06 -20.02
N ARG A 113 -4.40 17.35 -19.91
CA ARG A 113 -4.11 18.17 -18.74
C ARG A 113 -2.63 18.03 -18.34
N MET A 114 -1.77 18.34 -19.30
CA MET A 114 -0.34 18.26 -19.11
C MET A 114 0.07 19.34 -18.13
N HIS A 115 0.91 18.95 -17.17
CA HIS A 115 1.47 19.90 -16.19
C HIS A 115 2.76 20.60 -16.66
N ASN A 116 3.02 21.75 -16.03
CA ASN A 116 4.30 22.49 -16.09
C ASN A 116 4.46 23.26 -17.39
N LEU A 117 3.33 23.70 -17.92
CA LEU A 117 3.27 24.50 -19.14
C LEU A 117 2.80 25.92 -18.83
N GLU A 118 2.35 26.14 -17.60
CA GLU A 118 1.83 27.46 -17.22
C GLU A 118 2.88 28.61 -17.21
N ASP A 119 4.16 28.30 -16.95
CA ASP A 119 5.22 29.33 -17.04
C ASP A 119 5.67 29.64 -18.49
N SER A 120 4.97 29.05 -19.46
CA SER A 120 5.28 29.23 -20.90
C SER A 120 4.64 30.48 -21.50
N CYS A 121 5.08 30.78 -22.72
CA CYS A 121 4.60 31.91 -23.51
CA CYS A 121 4.54 31.94 -23.40
C CYS A 121 3.24 31.64 -24.17
N PHE A 122 2.88 30.34 -24.22
CA PHE A 122 1.69 29.87 -24.91
C PHE A 122 0.37 30.08 -24.18
N SER A 123 -0.61 30.67 -24.86
CA SER A 123 -1.97 30.70 -24.37
C SER A 123 -2.68 29.36 -24.54
N PHE A 124 -3.56 29.04 -23.60
CA PHE A 124 -4.38 27.81 -23.65
C PHE A 124 -5.87 28.12 -23.79
N LEU A 125 -6.36 28.23 -25.03
CA LEU A 125 -7.72 28.68 -25.32
C LEU A 125 -8.64 27.63 -25.99
N SER B 5 6.92 30.40 -40.21
CA SER B 5 7.90 29.26 -40.27
C SER B 5 8.84 29.12 -39.06
N PRO B 6 9.08 30.22 -38.30
CA PRO B 6 9.99 30.19 -37.11
C PRO B 6 9.51 29.26 -35.99
N MET B 7 10.41 28.95 -35.05
CA MET B 7 10.12 28.01 -33.95
C MET B 7 9.89 28.73 -32.63
N TYR B 8 8.87 28.28 -31.89
CA TYR B 8 8.59 28.78 -30.54
C TYR B 8 9.12 27.78 -29.52
N VAL B 9 9.91 28.26 -28.58
CA VAL B 9 10.62 27.38 -27.67
C VAL B 9 10.16 27.64 -26.25
N TYR B 10 9.88 26.57 -25.53
CA TYR B 10 9.72 26.68 -24.10
C TYR B 10 10.62 25.68 -23.40
N GLU B 11 11.40 26.19 -22.46
CA GLU B 11 12.15 25.31 -21.60
C GLU B 11 11.63 25.54 -20.20
N SER B 12 11.12 24.48 -19.59
CA SER B 12 10.57 24.56 -18.27
C SER B 12 11.67 24.40 -17.23
N THR B 13 11.77 25.40 -16.35
CA THR B 13 12.68 25.35 -15.21
C THR B 13 12.13 24.49 -14.07
N VAL B 14 10.81 24.31 -13.99
CA VAL B 14 10.22 23.55 -12.86
C VAL B 14 9.88 22.08 -13.17
N HIS B 15 9.78 21.74 -14.45
CA HIS B 15 9.26 20.45 -14.86
C HIS B 15 9.97 19.24 -14.23
N CYS B 16 11.29 19.15 -14.42
CA CYS B 16 12.06 18.04 -13.85
C CYS B 16 11.79 17.86 -12.36
N THR B 17 11.82 18.95 -11.60
CA THR B 17 11.65 18.87 -10.16
C THR B 17 10.25 18.39 -9.81
N ASN B 18 9.24 18.94 -10.48
CA ASN B 18 7.85 18.47 -10.33
C ASN B 18 7.59 17.00 -10.72
N ILE B 19 8.31 16.50 -11.72
CA ILE B 19 8.21 15.10 -12.14
C ILE B 19 8.74 14.21 -11.03
N LEU B 20 9.85 14.66 -10.44
CA LEU B 20 10.56 13.93 -9.42
C LEU B 20 9.79 13.91 -8.11
N LEU B 21 9.20 15.04 -7.76
CA LEU B 21 8.28 15.15 -6.64
C LEU B 21 7.10 14.20 -6.80
N GLY B 22 6.65 14.02 -8.05
CA GLY B 22 5.51 13.18 -8.37
C GLY B 22 5.88 11.72 -8.17
N LEU B 23 7.06 11.38 -8.67
CA LEU B 23 7.57 10.02 -8.55
C LEU B 23 7.87 9.64 -7.10
N ASN B 24 8.45 10.57 -6.34
CA ASN B 24 8.71 10.33 -4.91
C ASN B 24 7.42 10.12 -4.13
N ASP B 25 6.42 10.96 -4.39
CA ASP B 25 5.10 10.80 -3.78
C ASP B 25 4.52 9.40 -4.07
N GLN B 26 4.73 8.91 -5.30
CA GLN B 26 4.26 7.59 -5.72
C GLN B 26 4.99 6.51 -4.93
N ARG B 27 6.31 6.64 -4.85
CA ARG B 27 7.10 5.75 -4.05
C ARG B 27 6.58 5.66 -2.62
N LYS B 28 6.32 6.81 -1.99
CA LYS B 28 5.95 6.82 -0.57
C LYS B 28 4.59 6.15 -0.31
N LYS B 29 3.64 6.37 -1.22
CA LYS B 29 2.34 5.67 -1.22
C LYS B 29 2.35 4.27 -1.84
N ASP B 30 3.48 3.85 -2.42
CA ASP B 30 3.54 2.58 -3.19
C ASP B 30 2.42 2.57 -4.22
N ILE B 31 2.35 3.65 -4.99
CA ILE B 31 1.54 3.74 -6.19
C ILE B 31 2.47 3.63 -7.41
N LEU B 32 2.07 2.83 -8.39
CA LEU B 32 2.74 2.69 -9.68
C LEU B 32 4.21 2.28 -9.65
N CYS B 33 4.65 1.69 -8.54
CA CYS B 33 5.99 1.17 -8.43
C CYS B 33 6.08 -0.15 -9.15
N ASP B 34 7.26 -0.77 -9.18
CA ASP B 34 7.38 -2.00 -9.96
C ASP B 34 8.41 -2.99 -9.42
N VAL B 35 9.23 -2.57 -8.47
CA VAL B 35 10.25 -3.48 -7.94
C VAL B 35 10.25 -3.34 -6.44
N THR B 36 10.45 -4.46 -5.77
CA THR B 36 10.65 -4.46 -4.33
C THR B 36 12.10 -4.87 -4.12
N LEU B 37 12.87 -3.97 -3.51
CA LEU B 37 14.23 -4.27 -3.09
C LEU B 37 14.15 -4.70 -1.64
N ILE B 38 14.91 -5.74 -1.31
CA ILE B 38 15.07 -6.18 0.07
C ILE B 38 16.48 -5.84 0.49
N VAL B 39 16.57 -4.99 1.51
CA VAL B 39 17.84 -4.50 1.97
C VAL B 39 17.88 -4.80 3.45
N GLU B 40 18.80 -5.69 3.81
CA GLU B 40 18.93 -6.14 5.17
C GLU B 40 17.54 -6.38 5.75
N ARG B 41 16.76 -7.24 5.10
CA ARG B 41 15.43 -7.63 5.60
C ARG B 41 14.33 -6.54 5.58
N LYS B 42 14.62 -5.37 5.03
CA LYS B 42 13.59 -4.35 4.89
C LYS B 42 13.15 -4.22 3.43
N GLU B 43 11.84 -4.08 3.23
CA GLU B 43 11.28 -3.87 1.90
C GLU B 43 11.24 -2.37 1.50
N PHE B 44 11.73 -2.08 0.30
CA PHE B 44 11.69 -0.72 -0.26
C PHE B 44 11.06 -0.78 -1.64
N ARG B 45 9.98 -0.06 -1.83
CA ARG B 45 9.39 0.03 -3.14
C ARG B 45 10.07 1.14 -3.96
N ALA B 46 10.24 0.89 -5.25
CA ALA B 46 10.79 1.89 -6.15
C ALA B 46 10.34 1.61 -7.58
N HIS B 47 10.76 2.50 -8.49
CA HIS B 47 10.57 2.34 -9.92
C HIS B 47 11.93 1.91 -10.44
N ARG B 48 12.03 0.74 -11.04
CA ARG B 48 13.31 0.28 -11.57
C ARG B 48 13.93 1.29 -12.53
N ALA B 49 13.08 2.02 -13.26
CA ALA B 49 13.57 2.90 -14.30
C ALA B 49 14.31 4.10 -13.69
N VAL B 50 13.82 4.59 -12.55
CA VAL B 50 14.44 5.68 -11.81
C VAL B 50 15.78 5.22 -11.23
N LEU B 51 15.77 4.07 -10.58
CA LEU B 51 17.00 3.45 -10.06
C LEU B 51 18.07 3.22 -11.13
N ALA B 52 17.67 2.74 -12.30
CA ALA B 52 18.64 2.40 -13.33
C ALA B 52 19.11 3.65 -14.05
N ALA B 53 18.36 4.73 -13.89
CA ALA B 53 18.73 6.00 -14.46
C ALA B 53 19.93 6.58 -13.71
N CYS B 54 19.93 6.39 -12.38
N CYS B 54 19.93 6.45 -12.37
CA CYS B 54 20.96 6.92 -11.47
CA CYS B 54 21.05 6.92 -11.54
C CYS B 54 22.28 6.12 -11.47
C CYS B 54 22.31 6.12 -11.86
N SER B 55 22.20 4.81 -11.71
CA SER B 55 23.37 3.93 -11.62
C SER B 55 23.36 2.70 -12.50
N GLU B 56 24.48 2.58 -13.24
CA GLU B 56 24.97 1.32 -13.79
C GLU B 56 24.75 0.09 -12.87
N TYR B 57 25.05 0.20 -11.58
CA TYR B 57 24.78 -0.93 -10.68
C TYR B 57 23.30 -1.40 -10.75
N PHE B 58 22.36 -0.48 -10.71
CA PHE B 58 20.96 -0.85 -10.77
C PHE B 58 20.51 -1.21 -12.18
N TRP B 59 21.13 -0.57 -13.18
CA TRP B 59 20.91 -0.94 -14.57
C TRP B 59 21.14 -2.45 -14.75
N GLN B 60 22.36 -2.93 -14.49
CA GLN B 60 22.67 -4.36 -14.63
C GLN B 60 21.75 -5.19 -13.73
N ALA B 61 21.43 -4.68 -12.55
CA ALA B 61 20.58 -5.41 -11.61
C ALA B 61 19.13 -5.60 -12.09
N LEU B 62 18.64 -4.70 -12.94
CA LEU B 62 17.20 -4.62 -13.23
C LEU B 62 16.71 -4.66 -14.70
N VAL B 63 17.64 -4.66 -15.66
N VAL B 63 17.65 -4.64 -15.65
CA VAL B 63 17.26 -4.57 -17.08
CA VAL B 63 17.30 -4.60 -17.08
C VAL B 63 16.49 -5.78 -17.64
C VAL B 63 16.46 -5.79 -17.54
N GLY B 64 17.02 -6.99 -17.47
CA GLY B 64 16.39 -8.18 -18.06
C GLY B 64 15.03 -8.43 -17.45
N GLN B 65 15.01 -8.42 -16.12
CA GLN B 65 13.89 -8.85 -15.26
C GLN B 65 12.48 -8.74 -15.84
N THR B 66 11.85 -9.90 -15.97
CA THR B 66 10.54 -10.00 -16.60
C THR B 66 9.70 -10.88 -15.71
N LYS B 67 9.11 -10.28 -14.69
N LYS B 67 9.12 -10.30 -14.68
CA LYS B 67 8.33 -10.99 -13.68
CA LYS B 67 8.24 -11.02 -13.79
C LYS B 67 7.17 -10.10 -13.22
C LYS B 67 7.17 -10.11 -13.23
N ASN B 68 6.06 -10.73 -12.84
CA ASN B 68 5.03 -10.05 -12.08
C ASN B 68 5.66 -9.77 -10.72
N ASP B 69 5.36 -8.61 -10.14
CA ASP B 69 5.91 -8.26 -8.84
C ASP B 69 7.38 -8.69 -8.67
N LEU B 70 8.30 -7.95 -9.30
CA LEU B 70 9.74 -8.23 -9.19
C LEU B 70 10.28 -7.95 -7.78
N VAL B 71 11.17 -8.83 -7.33
CA VAL B 71 11.79 -8.73 -5.99
C VAL B 71 13.29 -8.99 -6.07
N VAL B 72 14.08 -7.95 -5.83
CA VAL B 72 15.54 -8.04 -5.87
C VAL B 72 16.15 -7.83 -4.46
N SER B 73 16.98 -8.78 -4.05
CA SER B 73 17.66 -8.70 -2.78
C SER B 73 19.04 -8.12 -3.00
N LEU B 74 19.39 -7.09 -2.21
CA LEU B 74 20.74 -6.55 -2.24
C LEU B 74 21.64 -7.34 -1.28
N PRO B 75 22.95 -7.46 -1.61
CA PRO B 75 23.88 -8.22 -0.76
C PRO B 75 24.10 -7.57 0.60
N GLU B 76 24.70 -8.33 1.51
CA GLU B 76 24.92 -7.93 2.92
C GLU B 76 25.68 -6.64 3.15
N GLU B 77 26.54 -6.28 2.19
CA GLU B 77 27.28 -5.02 2.26
C GLU B 77 26.35 -3.80 2.32
N VAL B 78 25.22 -3.87 1.60
CA VAL B 78 24.23 -2.80 1.60
C VAL B 78 23.36 -2.95 2.85
N THR B 79 23.38 -1.96 3.73
CA THR B 79 22.53 -1.97 4.93
C THR B 79 21.36 -1.04 4.70
N ALA B 80 20.31 -1.19 5.50
CA ALA B 80 19.12 -0.35 5.40
C ALA B 80 19.43 1.11 5.77
N ARG B 81 20.27 1.29 6.78
CA ARG B 81 20.65 2.62 7.28
C ARG B 81 21.42 3.46 6.27
N GLY B 82 22.26 2.80 5.47
CA GLY B 82 23.00 3.48 4.41
C GLY B 82 22.19 3.63 3.12
N PHE B 83 21.33 2.65 2.83
CA PHE B 83 20.60 2.66 1.56
C PHE B 83 19.40 3.63 1.53
N GLY B 84 18.62 3.63 2.59
CA GLY B 84 17.43 4.49 2.71
C GLY B 84 17.63 5.92 2.24
N PRO B 85 18.64 6.62 2.78
CA PRO B 85 18.88 7.97 2.33
C PRO B 85 19.32 8.08 0.85
N LEU B 86 20.03 7.06 0.36
CA LEU B 86 20.46 6.97 -1.07
C LEU B 86 19.30 6.74 -2.03
N LEU B 87 18.31 5.94 -1.60
CA LEU B 87 17.08 5.76 -2.37
C LEU B 87 16.31 7.08 -2.44
N GLN B 88 16.11 7.71 -1.28
CA GLN B 88 15.47 9.01 -1.20
C GLN B 88 16.22 10.10 -1.98
N PHE B 89 17.55 10.01 -2.03
CA PHE B 89 18.35 10.92 -2.85
C PHE B 89 18.04 10.76 -4.34
N ALA B 90 18.00 9.51 -4.82
CA ALA B 90 17.59 9.26 -6.19
C ALA B 90 16.25 9.91 -6.52
N TYR B 91 15.38 10.13 -5.52
CA TYR B 91 14.06 10.70 -5.80
C TYR B 91 13.91 12.19 -5.47
N THR B 92 14.96 12.81 -4.91
CA THR B 92 14.89 14.21 -4.47
C THR B 92 16.06 15.09 -4.90
N ALA B 93 17.18 14.47 -5.29
CA ALA B 93 18.44 15.20 -5.54
C ALA B 93 19.11 15.75 -4.26
N LYS B 94 18.59 15.34 -3.11
CA LYS B 94 19.03 15.84 -1.80
C LYS B 94 19.49 14.73 -0.85
N LEU B 95 20.61 14.96 -0.17
CA LEU B 95 21.02 14.13 0.94
C LEU B 95 21.18 14.99 2.19
N LEU B 96 20.49 14.60 3.25
CA LEU B 96 20.59 15.32 4.49
C LEU B 96 20.86 14.32 5.63
N LEU B 97 22.10 14.33 6.12
CA LEU B 97 22.58 13.26 6.99
C LEU B 97 23.05 13.79 8.33
N SER B 98 23.18 12.91 9.29
CA SER B 98 23.75 13.29 10.60
C SER B 98 24.92 12.39 10.91
N ARG B 99 25.52 12.60 12.08
CA ARG B 99 26.64 11.79 12.57
C ARG B 99 26.32 10.28 12.66
N GLU B 100 25.04 9.96 12.75
CA GLU B 100 24.55 8.61 12.99
C GLU B 100 24.69 7.77 11.72
N ASN B 101 24.46 8.37 10.55
CA ASN B 101 24.34 7.58 9.32
C ASN B 101 25.29 7.96 8.17
N ILE B 102 26.02 9.08 8.31
CA ILE B 102 26.86 9.60 7.20
C ILE B 102 27.88 8.55 6.74
N ARG B 103 28.49 7.83 7.67
CA ARG B 103 29.50 6.87 7.33
C ARG B 103 28.87 5.76 6.51
N GLU B 104 27.78 5.20 7.01
CA GLU B 104 27.09 4.10 6.33
C GLU B 104 26.55 4.50 4.96
N VAL B 105 25.99 5.70 4.84
CA VAL B 105 25.52 6.16 3.56
C VAL B 105 26.67 6.22 2.56
N ILE B 106 27.78 6.84 2.95
CA ILE B 106 28.96 6.93 2.08
C ILE B 106 29.48 5.56 1.71
N ARG B 107 29.54 4.67 2.69
CA ARG B 107 30.03 3.29 2.43
C ARG B 107 29.11 2.50 1.50
N CYS B 108 27.80 2.76 1.61
N CYS B 108 27.80 2.75 1.59
CA CYS B 108 26.79 2.17 0.74
CA CYS B 108 26.85 2.10 0.71
C CYS B 108 26.97 2.68 -0.68
C CYS B 108 26.87 2.70 -0.69
N ALA B 109 27.19 4.00 -0.80
CA ALA B 109 27.31 4.64 -2.10
C ALA B 109 28.49 4.12 -2.89
N GLU B 110 29.59 3.81 -2.20
CA GLU B 110 30.78 3.22 -2.82
C GLU B 110 30.55 1.78 -3.30
N PHE B 111 29.78 1.01 -2.53
CA PHE B 111 29.38 -0.34 -2.96
C PHE B 111 28.45 -0.28 -4.16
N LEU B 112 27.47 0.63 -4.11
CA LEU B 112 26.58 0.80 -5.24
C LEU B 112 27.26 1.55 -6.38
N ARG B 113 28.55 1.82 -6.22
CA ARG B 113 29.43 2.38 -7.27
C ARG B 113 28.99 3.75 -7.80
N MET B 114 28.54 4.61 -6.88
CA MET B 114 28.20 5.99 -7.17
C MET B 114 29.48 6.83 -7.17
N HIS B 115 29.81 7.32 -8.36
CA HIS B 115 31.06 8.03 -8.57
C HIS B 115 31.17 9.30 -7.70
N ASN B 116 32.25 9.38 -6.94
CA ASN B 116 32.61 10.61 -6.24
C ASN B 116 31.54 11.14 -5.26
N LEU B 117 30.74 10.24 -4.69
CA LEU B 117 29.93 10.59 -3.53
C LEU B 117 30.75 10.37 -2.27
N GLU B 118 31.51 11.40 -1.90
CA GLU B 118 32.47 11.32 -0.80
C GLU B 118 32.14 12.28 0.34
N ASP B 119 33.01 12.29 1.33
CA ASP B 119 33.09 13.28 2.40
C ASP B 119 32.77 14.69 1.95
N SER B 120 33.52 15.11 0.93
CA SER B 120 33.69 16.50 0.57
C SER B 120 32.54 17.06 -0.23
N CYS B 121 31.59 16.20 -0.60
CA CYS B 121 30.37 16.64 -1.23
C CYS B 121 29.52 17.42 -0.25
N PHE B 122 29.67 17.12 1.04
CA PHE B 122 28.74 17.63 2.03
C PHE B 122 29.13 19.00 2.54
N SER B 123 28.08 19.75 2.91
CA SER B 123 28.15 21.11 3.44
C SER B 123 27.36 21.15 4.74
N PHE B 124 27.46 22.28 5.42
CA PHE B 124 26.71 22.52 6.63
C PHE B 124 25.48 23.38 6.35
N LEU B 125 24.34 22.98 6.90
CA LEU B 125 23.16 23.85 6.94
C LEU B 125 23.46 25.29 7.40
N MET C 7 -21.07 -20.11 12.76
CA MET C 7 -21.03 -18.80 12.06
C MET C 7 -19.63 -18.51 11.51
N TYR C 8 -19.55 -17.55 10.60
CA TYR C 8 -18.31 -17.17 9.95
C TYR C 8 -18.53 -15.93 9.09
N VAL C 9 -17.71 -14.92 9.29
CA VAL C 9 -17.80 -13.66 8.56
C VAL C 9 -16.65 -13.55 7.58
N TYR C 10 -16.98 -13.44 6.29
CA TYR C 10 -15.99 -13.14 5.27
C TYR C 10 -16.05 -11.65 4.96
N GLU C 11 -14.89 -11.01 4.90
CA GLU C 11 -14.81 -9.60 4.57
C GLU C 11 -13.92 -9.40 3.37
N SER C 12 -14.52 -9.03 2.25
CA SER C 12 -13.78 -8.76 1.01
C SER C 12 -13.07 -7.42 1.10
N THR C 13 -11.76 -7.45 0.93
CA THR C 13 -10.94 -6.25 1.06
C THR C 13 -10.97 -5.43 -0.22
N VAL C 14 -11.34 -6.05 -1.32
CA VAL C 14 -11.33 -5.42 -2.65
C VAL C 14 -12.72 -5.01 -3.21
N HIS C 15 -13.80 -5.50 -2.60
CA HIS C 15 -15.17 -5.34 -3.11
C HIS C 15 -15.60 -3.88 -3.24
N CYS C 16 -15.51 -3.13 -2.14
CA CYS C 16 -15.82 -1.72 -2.21
C CYS C 16 -15.04 -1.05 -3.35
N THR C 17 -13.73 -1.27 -3.40
CA THR C 17 -12.92 -0.68 -4.47
C THR C 17 -13.49 -1.02 -5.83
N ASN C 18 -13.80 -2.29 -6.05
CA ASN C 18 -14.25 -2.80 -7.35
C ASN C 18 -15.61 -2.29 -7.75
N ILE C 19 -16.52 -2.17 -6.79
CA ILE C 19 -17.81 -1.54 -7.01
C ILE C 19 -17.63 -0.12 -7.49
N LEU C 20 -16.74 0.62 -6.85
CA LEU C 20 -16.54 2.02 -7.21
C LEU C 20 -15.92 2.09 -8.59
N LEU C 21 -14.95 1.22 -8.85
CA LEU C 21 -14.40 1.08 -10.20
C LEU C 21 -15.49 0.83 -11.28
N GLY C 22 -16.41 -0.10 -11.06
CA GLY C 22 -17.41 -0.45 -12.10
C GLY C 22 -18.40 0.69 -12.29
N LEU C 23 -18.78 1.36 -11.19
CA LEU C 23 -19.60 2.56 -11.27
C LEU C 23 -18.88 3.66 -12.05
N ASN C 24 -17.59 3.83 -11.81
CA ASN C 24 -16.85 4.89 -12.48
C ASN C 24 -16.73 4.60 -13.98
N ASP C 25 -16.47 3.34 -14.32
CA ASP C 25 -16.48 2.85 -15.68
C ASP C 25 -17.89 3.04 -16.32
N GLN C 26 -18.94 2.70 -15.57
CA GLN C 26 -20.32 2.93 -16.03
C GLN C 26 -20.51 4.40 -16.40
N ARG C 27 -19.96 5.30 -15.60
CA ARG C 27 -20.12 6.72 -15.82
C ARG C 27 -19.36 7.26 -17.06
N LYS C 28 -18.11 6.85 -17.22
CA LYS C 28 -17.32 7.35 -18.33
CA LYS C 28 -17.27 7.27 -18.33
C LYS C 28 -17.83 6.82 -19.66
N LYS C 29 -18.44 5.64 -19.66
CA LYS C 29 -19.03 5.07 -20.88
C LYS C 29 -20.52 5.44 -21.05
N ASP C 30 -21.06 6.20 -20.11
CA ASP C 30 -22.49 6.54 -20.12
C ASP C 30 -23.34 5.29 -20.27
N ILE C 31 -23.23 4.42 -19.27
CA ILE C 31 -23.99 3.19 -19.24
C ILE C 31 -24.60 3.10 -17.85
N LEU C 32 -25.87 2.74 -17.79
CA LEU C 32 -26.58 2.56 -16.53
C LEU C 32 -26.63 3.80 -15.66
N CYS C 33 -26.56 4.97 -16.28
CA CYS C 33 -26.59 6.23 -15.57
C CYS C 33 -28.03 6.76 -15.67
N ASP C 34 -28.36 7.82 -14.95
CA ASP C 34 -29.77 8.16 -14.80
C ASP C 34 -29.93 9.65 -14.61
N VAL C 35 -28.83 10.38 -14.74
CA VAL C 35 -28.94 11.83 -14.66
C VAL C 35 -27.84 12.48 -15.45
N THR C 36 -28.20 13.55 -16.15
CA THR C 36 -27.22 14.42 -16.75
C THR C 36 -27.20 15.74 -15.97
N LEU C 37 -26.09 16.01 -15.28
CA LEU C 37 -25.85 17.32 -14.73
C LEU C 37 -25.30 18.31 -15.76
N ILE C 38 -25.84 19.53 -15.69
CA ILE C 38 -25.38 20.65 -16.46
C ILE C 38 -24.73 21.66 -15.51
N VAL C 39 -23.41 21.76 -15.59
CA VAL C 39 -22.62 22.67 -14.75
C VAL C 39 -21.87 23.63 -15.67
N GLU C 40 -22.17 24.91 -15.54
CA GLU C 40 -21.54 25.94 -16.34
C GLU C 40 -21.49 25.55 -17.83
N ARG C 41 -22.63 25.13 -18.36
CA ARG C 41 -22.74 24.80 -19.80
C ARG C 41 -21.97 23.55 -20.22
N LYS C 42 -21.50 22.78 -19.25
CA LYS C 42 -20.94 21.45 -19.51
C LYS C 42 -21.82 20.37 -18.93
N GLU C 43 -21.75 19.19 -19.56
CA GLU C 43 -22.51 17.99 -19.20
C GLU C 43 -21.67 16.96 -18.50
N PHE C 44 -22.26 16.32 -17.49
CA PHE C 44 -21.66 15.25 -16.71
C PHE C 44 -22.73 14.19 -16.40
N ARG C 45 -22.58 13.01 -16.98
CA ARG C 45 -23.45 11.88 -16.73
C ARG C 45 -23.09 11.25 -15.39
N ALA C 46 -24.12 10.88 -14.61
CA ALA C 46 -23.90 10.29 -13.30
C ALA C 46 -25.09 9.42 -12.89
N HIS C 47 -24.96 8.72 -11.76
CA HIS C 47 -26.01 7.95 -11.10
C HIS C 47 -26.46 8.82 -9.91
N ARG C 48 -27.76 9.05 -9.77
CA ARG C 48 -28.24 9.93 -8.69
C ARG C 48 -27.99 9.33 -7.31
N ALA C 49 -27.97 7.99 -7.26
CA ALA C 49 -27.75 7.29 -5.98
C ALA C 49 -26.34 7.57 -5.44
N VAL C 50 -25.36 7.60 -6.36
CA VAL C 50 -23.98 7.88 -5.97
C VAL C 50 -23.78 9.34 -5.59
N LEU C 51 -24.29 10.25 -6.41
CA LEU C 51 -24.34 11.67 -6.07
C LEU C 51 -25.00 11.90 -4.68
N ALA C 52 -26.15 11.29 -4.43
CA ALA C 52 -26.81 11.50 -3.12
C ALA C 52 -26.00 10.90 -1.95
N ALA C 53 -25.19 9.88 -2.25
CA ALA C 53 -24.39 9.27 -1.20
C ALA C 53 -23.16 10.11 -0.84
N CYS C 54 -22.65 10.90 -1.78
CA CYS C 54 -21.42 11.64 -1.59
C CYS C 54 -21.67 13.08 -1.11
N SER C 55 -22.88 13.59 -1.31
CA SER C 55 -23.21 15.00 -1.09
C SER C 55 -24.61 15.21 -0.48
N GLU C 56 -24.73 16.03 0.56
CA GLU C 56 -26.06 16.33 1.12
C GLU C 56 -26.90 17.23 0.20
N TYR C 57 -26.22 18.05 -0.60
CA TYR C 57 -26.91 18.88 -1.59
C TYR C 57 -27.66 17.99 -2.59
N PHE C 58 -26.95 17.02 -3.16
CA PHE C 58 -27.51 16.10 -4.14
C PHE C 58 -28.53 15.16 -3.51
N TRP C 59 -28.29 14.73 -2.27
CA TRP C 59 -29.31 13.95 -1.57
C TRP C 59 -30.60 14.76 -1.57
N GLN C 60 -30.50 16.03 -1.22
CA GLN C 60 -31.69 16.84 -1.01
C GLN C 60 -32.33 17.21 -2.34
N ALA C 61 -31.51 17.34 -3.37
CA ALA C 61 -31.94 17.69 -4.72
C ALA C 61 -32.53 16.53 -5.50
N LEU C 62 -32.02 15.33 -5.30
CA LEU C 62 -32.41 14.22 -6.17
C LEU C 62 -33.34 13.16 -5.57
N VAL C 63 -33.44 13.07 -4.25
CA VAL C 63 -34.22 11.98 -3.65
C VAL C 63 -35.67 11.99 -4.13
N GLY C 64 -36.24 13.19 -4.25
CA GLY C 64 -37.63 13.37 -4.66
C GLY C 64 -37.92 13.60 -6.14
N GLN C 65 -36.90 13.51 -6.98
CA GLN C 65 -37.15 13.59 -8.41
C GLN C 65 -37.89 12.33 -8.83
N THR C 66 -38.80 12.46 -9.80
CA THR C 66 -39.68 11.36 -10.17
C THR C 66 -39.15 10.68 -11.43
N LYS C 67 -38.90 11.49 -12.46
CA LYS C 67 -38.52 11.00 -13.78
C LYS C 67 -37.30 10.06 -13.78
N ASN C 68 -37.28 9.21 -14.80
CA ASN C 68 -36.37 8.09 -14.93
C ASN C 68 -34.99 8.48 -15.47
N ASP C 69 -34.95 9.60 -16.20
CA ASP C 69 -33.68 10.17 -16.65
C ASP C 69 -33.86 11.66 -16.81
N LEU C 70 -33.10 12.43 -16.04
CA LEU C 70 -33.32 13.85 -16.04
C LEU C 70 -32.07 14.67 -16.27
N VAL C 71 -32.27 15.89 -16.73
CA VAL C 71 -31.20 16.81 -16.99
C VAL C 71 -31.31 17.88 -15.93
N VAL C 72 -30.39 17.88 -14.97
CA VAL C 72 -30.42 18.81 -13.85
C VAL C 72 -29.41 19.92 -14.06
N SER C 73 -29.90 21.16 -14.09
CA SER C 73 -29.01 22.33 -14.12
C SER C 73 -28.64 22.83 -12.73
N LEU C 74 -27.34 23.01 -12.53
CA LEU C 74 -26.82 23.52 -11.28
C LEU C 74 -26.63 25.03 -11.35
N PRO C 75 -26.81 25.73 -10.22
CA PRO C 75 -26.62 27.20 -10.15
C PRO C 75 -25.17 27.62 -10.43
N GLU C 76 -24.98 28.92 -10.66
CA GLU C 76 -23.67 29.47 -11.06
C GLU C 76 -22.59 29.36 -9.97
N GLU C 77 -22.99 29.19 -8.71
CA GLU C 77 -22.03 28.92 -7.62
C GLU C 77 -21.15 27.72 -7.97
N VAL C 78 -21.73 26.71 -8.59
CA VAL C 78 -21.00 25.52 -8.99
C VAL C 78 -20.38 25.73 -10.37
N THR C 79 -19.05 25.67 -10.45
CA THR C 79 -18.33 25.88 -11.71
C THR C 79 -17.78 24.57 -12.22
N ALA C 80 -17.57 24.51 -13.54
CA ALA C 80 -17.03 23.31 -14.18
C ALA C 80 -15.68 22.94 -13.60
N ARG C 81 -14.85 23.94 -13.33
CA ARG C 81 -13.47 23.68 -12.92
C ARG C 81 -13.44 23.25 -11.47
N GLY C 82 -14.41 23.74 -10.69
CA GLY C 82 -14.58 23.29 -9.31
C GLY C 82 -15.24 21.93 -9.17
N PHE C 83 -16.23 21.65 -10.03
CA PHE C 83 -17.03 20.42 -9.93
C PHE C 83 -16.34 19.15 -10.46
N GLY C 84 -15.70 19.26 -11.63
CA GLY C 84 -15.05 18.10 -12.24
C GLY C 84 -14.25 17.25 -11.26
N PRO C 85 -13.24 17.84 -10.60
CA PRO C 85 -12.43 17.02 -9.70
C PRO C 85 -13.25 16.35 -8.56
N LEU C 86 -14.37 16.96 -8.19
CA LEU C 86 -15.18 16.43 -7.10
C LEU C 86 -16.06 15.26 -7.57
N LEU C 87 -16.52 15.34 -8.81
CA LEU C 87 -17.24 14.21 -9.39
C LEU C 87 -16.29 13.03 -9.56
N GLN C 88 -15.03 13.31 -9.87
N GLN C 88 -15.04 13.29 -9.86
CA GLN C 88 -13.99 12.27 -9.93
CA GLN C 88 -14.09 12.19 -9.90
C GLN C 88 -13.70 11.71 -8.53
C GLN C 88 -13.79 11.68 -8.48
N PHE C 89 -13.65 12.60 -7.54
CA PHE C 89 -13.50 12.17 -6.15
C PHE C 89 -14.67 11.23 -5.75
N ALA C 90 -15.89 11.66 -5.98
CA ALA C 90 -17.08 10.83 -5.59
C ALA C 90 -16.99 9.41 -6.10
N TYR C 91 -16.44 9.25 -7.32
CA TYR C 91 -16.38 7.98 -8.00
C TYR C 91 -15.05 7.24 -7.89
N THR C 92 -14.04 7.80 -7.20
CA THR C 92 -12.75 7.13 -7.04
C THR C 92 -12.12 7.16 -5.63
N ALA C 93 -12.59 8.05 -4.75
CA ALA C 93 -11.99 8.21 -3.41
C ALA C 93 -10.71 9.04 -3.44
N LYS C 94 -10.48 9.74 -4.54
CA LYS C 94 -9.18 10.37 -4.80
C LYS C 94 -9.38 11.75 -5.40
N LEU C 95 -8.71 12.73 -4.82
CA LEU C 95 -8.88 14.11 -5.24
C LEU C 95 -7.54 14.68 -5.66
N LEU C 96 -7.47 15.06 -6.93
CA LEU C 96 -6.23 15.51 -7.53
C LEU C 96 -6.28 17.03 -7.67
N LEU C 97 -5.36 17.76 -7.03
CA LEU C 97 -5.48 19.22 -7.06
C LEU C 97 -4.17 19.95 -7.34
N SER C 98 -4.32 21.18 -7.82
CA SER C 98 -3.20 22.07 -8.01
C SER C 98 -3.63 23.48 -7.60
N ARG C 99 -2.66 24.38 -7.54
CA ARG C 99 -2.93 25.78 -7.22
C ARG C 99 -3.91 26.44 -8.16
N GLU C 100 -3.99 25.92 -9.39
N GLU C 100 -3.97 25.91 -9.39
CA GLU C 100 -4.91 26.49 -10.37
CA GLU C 100 -4.89 26.41 -10.41
C GLU C 100 -6.39 26.28 -10.01
C GLU C 100 -6.35 26.29 -9.98
N ASN C 101 -6.72 25.14 -9.41
CA ASN C 101 -8.13 24.85 -9.13
C ASN C 101 -8.51 24.63 -7.67
N ILE C 102 -7.54 24.45 -6.78
CA ILE C 102 -7.86 24.12 -5.40
C ILE C 102 -8.94 25.02 -4.75
N ARG C 103 -8.83 26.33 -4.88
CA ARG C 103 -9.85 27.24 -4.29
C ARG C 103 -11.26 26.95 -4.86
N GLU C 104 -11.39 26.93 -6.19
CA GLU C 104 -12.69 26.60 -6.82
C GLU C 104 -13.23 25.23 -6.40
N VAL C 105 -12.37 24.21 -6.37
CA VAL C 105 -12.79 22.89 -5.88
C VAL C 105 -13.32 22.97 -4.45
N ILE C 106 -12.52 23.52 -3.54
CA ILE C 106 -12.90 23.71 -2.14
C ILE C 106 -14.24 24.44 -1.96
N ARG C 107 -14.42 25.58 -2.63
CA ARG C 107 -15.65 26.37 -2.57
C ARG C 107 -16.87 25.57 -3.10
N CYS C 108 -16.68 24.80 -4.17
CA CYS C 108 -17.71 23.92 -4.71
CA CYS C 108 -17.75 23.94 -4.69
C CYS C 108 -18.00 22.77 -3.75
N ALA C 109 -16.96 22.32 -3.04
CA ALA C 109 -17.15 21.25 -2.07
C ALA C 109 -18.02 21.70 -0.88
N GLU C 110 -17.84 22.95 -0.47
CA GLU C 110 -18.62 23.54 0.62
C GLU C 110 -20.04 23.70 0.17
N PHE C 111 -20.25 24.25 -1.04
CA PHE C 111 -21.59 24.40 -1.58
C PHE C 111 -22.35 23.08 -1.70
N LEU C 112 -21.66 22.02 -2.12
CA LEU C 112 -22.33 20.73 -2.34
C LEU C 112 -22.34 19.88 -1.07
N ARG C 113 -21.69 20.39 -0.02
CA ARG C 113 -21.50 19.63 1.21
C ARG C 113 -21.01 18.21 0.88
N MET C 114 -19.81 18.12 0.30
CA MET C 114 -19.24 16.83 -0.08
C MET C 114 -18.76 16.17 1.18
N HIS C 115 -19.14 14.92 1.36
CA HIS C 115 -18.60 14.07 2.43
C HIS C 115 -17.18 13.60 2.21
N ASN C 116 -16.53 13.24 3.32
CA ASN C 116 -15.27 12.47 3.33
C ASN C 116 -14.03 13.24 2.91
N LEU C 117 -14.11 14.56 3.04
CA LEU C 117 -12.98 15.43 2.74
C LEU C 117 -12.37 16.04 3.99
N GLU C 118 -12.99 15.81 5.16
CA GLU C 118 -12.51 16.42 6.42
C GLU C 118 -11.11 15.96 6.84
N ASP C 119 -10.70 14.79 6.36
CA ASP C 119 -9.37 14.24 6.71
C ASP C 119 -8.23 14.83 5.87
N SER C 120 -8.56 15.68 4.89
CA SER C 120 -7.55 16.22 3.96
C SER C 120 -6.73 17.38 4.58
N CYS C 121 -5.64 17.75 3.92
N CYS C 121 -5.64 17.77 3.92
CA CYS C 121 -4.79 18.87 4.37
CA CYS C 121 -4.79 18.87 4.36
C CYS C 121 -5.22 20.22 3.80
C CYS C 121 -5.24 20.23 3.83
N PHE C 122 -6.48 20.30 3.37
CA PHE C 122 -7.02 21.54 2.83
C PHE C 122 -7.93 22.25 3.84
N SER C 123 -7.70 23.56 3.99
CA SER C 123 -8.58 24.44 4.75
C SER C 123 -9.85 24.75 3.94
N PHE C 124 -11.00 24.71 4.63
CA PHE C 124 -12.28 25.08 4.02
C PHE C 124 -12.73 26.47 4.53
N LEU C 125 -12.39 27.50 3.77
CA LEU C 125 -12.58 28.90 4.19
C LEU C 125 -13.51 29.70 3.26
N PRO D 6 3.09 20.21 -9.77
CA PRO D 6 3.11 20.18 -8.31
C PRO D 6 1.73 19.81 -7.74
N MET D 7 1.36 18.54 -7.96
CA MET D 7 0.10 17.96 -7.52
C MET D 7 -0.12 17.93 -6.00
N TYR D 8 -1.39 17.98 -5.59
CA TYR D 8 -1.84 17.54 -4.27
C TYR D 8 -2.78 16.38 -4.50
N VAL D 9 -2.43 15.22 -3.98
CA VAL D 9 -3.24 14.02 -4.13
C VAL D 9 -3.81 13.56 -2.80
N TYR D 10 -5.12 13.68 -2.65
CA TYR D 10 -5.76 13.20 -1.42
C TYR D 10 -6.43 11.86 -1.68
N GLU D 11 -6.14 10.87 -0.83
CA GLU D 11 -6.86 9.61 -0.85
C GLU D 11 -7.68 9.55 0.42
N SER D 12 -8.99 9.46 0.28
CA SER D 12 -9.84 9.31 1.45
C SER D 12 -9.94 7.83 1.78
N THR D 13 -9.50 7.44 2.96
CA THR D 13 -9.52 6.03 3.36
C THR D 13 -10.93 5.57 3.74
N VAL D 14 -11.81 6.52 3.98
CA VAL D 14 -13.19 6.24 4.41
C VAL D 14 -14.23 6.40 3.29
N HIS D 15 -13.87 7.07 2.20
CA HIS D 15 -14.85 7.40 1.18
C HIS D 15 -15.63 6.19 0.64
N CYS D 16 -14.93 5.15 0.20
CA CYS D 16 -15.62 4.01 -0.42
C CYS D 16 -16.64 3.42 0.54
N THR D 17 -16.21 3.14 1.76
CA THR D 17 -17.05 2.46 2.73
C THR D 17 -18.29 3.29 3.05
N ASN D 18 -18.10 4.60 3.20
CA ASN D 18 -19.22 5.51 3.42
C ASN D 18 -20.22 5.61 2.27
N ILE D 19 -19.71 5.64 1.04
CA ILE D 19 -20.54 5.55 -0.16
C ILE D 19 -21.36 4.28 -0.10
N LEU D 20 -20.72 3.18 0.30
CA LEU D 20 -21.38 1.89 0.31
C LEU D 20 -22.41 1.82 1.41
N LEU D 21 -22.13 2.45 2.56
CA LEU D 21 -23.12 2.59 3.65
C LEU D 21 -24.30 3.44 3.19
N GLY D 22 -24.05 4.49 2.42
CA GLY D 22 -25.16 5.37 2.00
C GLY D 22 -26.08 4.60 1.05
N LEU D 23 -25.47 3.93 0.07
CA LEU D 23 -26.18 3.09 -0.87
C LEU D 23 -26.94 1.99 -0.18
N ASN D 24 -26.34 1.40 0.84
CA ASN D 24 -27.02 0.36 1.59
C ASN D 24 -28.22 0.90 2.36
N ASP D 25 -28.05 2.09 2.95
CA ASP D 25 -29.11 2.81 3.71
C ASP D 25 -30.29 3.12 2.76
N GLN D 26 -29.98 3.62 1.56
CA GLN D 26 -30.93 3.86 0.47
C GLN D 26 -31.79 2.61 0.24
N ARG D 27 -31.13 1.47 0.10
CA ARG D 27 -31.79 0.18 -0.12
C ARG D 27 -32.77 -0.22 0.99
N LYS D 28 -32.32 -0.19 2.23
CA LYS D 28 -33.22 -0.53 3.33
C LYS D 28 -34.42 0.40 3.29
N LYS D 29 -34.19 1.66 3.00
CA LYS D 29 -35.26 2.65 3.11
C LYS D 29 -36.08 2.75 1.83
N ASP D 30 -35.64 2.06 0.76
CA ASP D 30 -36.26 2.17 -0.56
C ASP D 30 -36.31 3.64 -1.03
N ILE D 31 -35.18 4.32 -0.86
CA ILE D 31 -35.01 5.67 -1.36
C ILE D 31 -34.10 5.50 -2.59
N LEU D 32 -34.43 6.20 -3.69
CA LEU D 32 -33.60 6.24 -4.92
C LEU D 32 -33.24 4.90 -5.58
N CYS D 33 -34.05 3.89 -5.30
CA CYS D 33 -33.88 2.62 -5.98
C CYS D 33 -34.55 2.63 -7.35
N ASP D 34 -34.18 1.68 -8.20
CA ASP D 34 -34.68 1.70 -9.56
C ASP D 34 -35.08 0.32 -10.08
N VAL D 35 -35.10 -0.69 -9.21
CA VAL D 35 -35.42 -2.05 -9.63
C VAL D 35 -36.02 -2.83 -8.46
N THR D 36 -37.06 -3.64 -8.70
CA THR D 36 -37.55 -4.56 -7.68
C THR D 36 -37.19 -6.00 -8.02
N LEU D 37 -36.41 -6.64 -7.18
CA LEU D 37 -36.09 -8.07 -7.36
C LEU D 37 -37.09 -9.01 -6.71
N ILE D 38 -37.53 -10.02 -7.45
CA ILE D 38 -38.39 -11.07 -6.91
C ILE D 38 -37.63 -12.37 -6.90
N VAL D 39 -37.40 -12.88 -5.69
CA VAL D 39 -36.62 -14.09 -5.43
C VAL D 39 -37.50 -14.92 -4.53
N GLU D 40 -37.94 -16.09 -5.02
CA GLU D 40 -38.80 -16.98 -4.23
C GLU D 40 -39.94 -16.19 -3.57
N ARG D 41 -40.62 -15.39 -4.37
CA ARG D 41 -41.82 -14.62 -4.00
C ARG D 41 -41.63 -13.56 -2.93
N LYS D 42 -40.36 -13.22 -2.64
CA LYS D 42 -40.02 -12.07 -1.79
C LYS D 42 -39.38 -10.94 -2.59
N GLU D 43 -39.77 -9.71 -2.26
CA GLU D 43 -39.27 -8.49 -2.88
C GLU D 43 -38.01 -7.92 -2.23
N PHE D 44 -37.13 -7.37 -3.06
CA PHE D 44 -35.95 -6.65 -2.61
C PHE D 44 -35.79 -5.49 -3.58
N ARG D 45 -35.72 -4.27 -3.06
CA ARG D 45 -35.36 -3.10 -3.86
C ARG D 45 -33.85 -2.98 -3.93
N ALA D 46 -33.35 -2.41 -5.03
CA ALA D 46 -31.89 -2.32 -5.25
C ALA D 46 -31.63 -1.30 -6.32
N HIS D 47 -30.36 -1.05 -6.63
CA HIS D 47 -29.93 -0.13 -7.69
C HIS D 47 -29.32 -0.99 -8.80
N ARG D 48 -29.86 -0.92 -10.01
CA ARG D 48 -29.37 -1.78 -11.08
C ARG D 48 -27.87 -1.57 -11.30
N ALA D 49 -27.46 -0.31 -11.18
CA ALA D 49 -26.05 0.07 -11.33
C ALA D 49 -25.16 -0.72 -10.36
N VAL D 50 -25.63 -0.88 -9.12
CA VAL D 50 -24.85 -1.59 -8.12
C VAL D 50 -24.82 -3.11 -8.33
N LEU D 51 -25.95 -3.68 -8.71
CA LEU D 51 -26.00 -5.11 -9.07
C LEU D 51 -25.08 -5.41 -10.27
N ALA D 52 -25.09 -4.51 -11.24
CA ALA D 52 -24.34 -4.76 -12.47
C ALA D 52 -22.84 -4.68 -12.23
N ALA D 53 -22.41 -3.74 -11.38
CA ALA D 53 -21.02 -3.61 -10.92
C ALA D 53 -20.42 -4.83 -10.20
N CYS D 54 -21.27 -5.67 -9.60
CA CYS D 54 -20.70 -6.86 -8.98
C CYS D 54 -21.24 -8.21 -9.46
N SER D 55 -22.10 -8.23 -10.47
CA SER D 55 -22.62 -9.48 -10.98
C SER D 55 -22.74 -9.43 -12.48
N GLU D 56 -22.13 -10.38 -13.15
CA GLU D 56 -22.14 -10.38 -14.60
C GLU D 56 -23.54 -10.77 -15.08
N TYR D 57 -24.23 -11.57 -14.28
CA TYR D 57 -25.59 -11.96 -14.60
C TYR D 57 -26.48 -10.70 -14.54
N PHE D 58 -26.28 -9.88 -13.51
CA PHE D 58 -27.00 -8.62 -13.44
C PHE D 58 -26.58 -7.62 -14.52
N TRP D 59 -25.29 -7.54 -14.83
CA TRP D 59 -24.88 -6.74 -15.99
C TRP D 59 -25.74 -7.08 -17.21
N GLN D 60 -25.80 -8.36 -17.57
CA GLN D 60 -26.47 -8.83 -18.78
C GLN D 60 -27.97 -8.62 -18.73
N ALA D 61 -28.55 -8.90 -17.58
CA ALA D 61 -29.97 -8.69 -17.36
C ALA D 61 -30.39 -7.21 -17.44
N LEU D 62 -29.55 -6.29 -16.96
CA LEU D 62 -29.99 -4.90 -16.76
C LEU D 62 -29.44 -3.82 -17.70
N VAL D 63 -28.24 -4.01 -18.23
CA VAL D 63 -27.67 -3.04 -19.13
C VAL D 63 -28.58 -2.89 -20.35
N GLY D 64 -28.86 -1.66 -20.73
CA GLY D 64 -29.76 -1.42 -21.88
C GLY D 64 -31.21 -1.92 -21.75
N GLN D 65 -31.70 -2.07 -20.51
CA GLN D 65 -33.14 -2.19 -20.29
C GLN D 65 -33.74 -0.79 -20.42
N THR D 66 -34.84 -0.71 -21.15
CA THR D 66 -35.48 0.57 -21.51
C THR D 66 -36.13 1.23 -20.30
N LYS D 67 -37.14 0.57 -19.73
CA LYS D 67 -37.76 1.05 -18.51
C LYS D 67 -36.73 1.49 -17.49
N ASN D 68 -37.07 2.49 -16.68
CA ASN D 68 -36.21 2.84 -15.55
C ASN D 68 -36.85 2.54 -14.18
N ASP D 69 -37.83 1.62 -14.19
CA ASP D 69 -38.16 0.82 -13.00
C ASP D 69 -38.66 -0.59 -13.37
N LEU D 70 -37.75 -1.55 -13.28
CA LEU D 70 -38.04 -2.92 -13.67
C LEU D 70 -38.43 -3.76 -12.47
N VAL D 71 -39.36 -4.68 -12.70
CA VAL D 71 -39.57 -5.79 -11.80
C VAL D 71 -38.82 -6.96 -12.41
N VAL D 72 -37.80 -7.41 -11.69
CA VAL D 72 -36.89 -8.41 -12.19
C VAL D 72 -37.12 -9.65 -11.37
N SER D 73 -37.66 -10.65 -12.05
CA SER D 73 -38.08 -11.83 -11.36
C SER D 73 -37.07 -12.91 -11.69
N LEU D 74 -36.28 -13.30 -10.69
CA LEU D 74 -35.20 -14.25 -10.85
C LEU D 74 -35.62 -15.73 -10.96
N PRO D 75 -34.86 -16.52 -11.74
CA PRO D 75 -35.24 -17.91 -11.95
C PRO D 75 -35.11 -18.79 -10.70
N GLU D 76 -35.72 -19.96 -10.80
CA GLU D 76 -35.87 -20.88 -9.70
C GLU D 76 -34.55 -21.32 -9.03
N GLU D 77 -33.45 -21.32 -9.80
CA GLU D 77 -32.11 -21.58 -9.29
C GLU D 77 -31.71 -20.65 -8.16
N VAL D 78 -32.37 -19.48 -8.11
CA VAL D 78 -32.09 -18.47 -7.09
C VAL D 78 -33.11 -18.54 -5.94
N THR D 79 -32.60 -18.94 -4.78
CA THR D 79 -33.44 -19.13 -3.61
C THR D 79 -33.25 -17.96 -2.66
N ALA D 80 -34.21 -17.74 -1.77
CA ALA D 80 -34.09 -16.75 -0.71
C ALA D 80 -32.83 -17.03 0.09
N ARG D 81 -32.67 -18.28 0.54
CA ARG D 81 -31.54 -18.66 1.38
C ARG D 81 -30.16 -18.32 0.77
N GLY D 82 -29.98 -18.61 -0.52
CA GLY D 82 -28.69 -18.41 -1.17
C GLY D 82 -28.42 -16.99 -1.61
N PHE D 83 -29.49 -16.24 -1.91
CA PHE D 83 -29.37 -14.90 -2.49
C PHE D 83 -29.34 -13.78 -1.44
N GLY D 84 -30.16 -13.91 -0.40
CA GLY D 84 -30.26 -12.90 0.67
C GLY D 84 -28.92 -12.43 1.23
N PRO D 85 -28.08 -13.37 1.68
CA PRO D 85 -26.69 -13.00 2.06
C PRO D 85 -25.85 -12.36 0.94
N LEU D 86 -26.08 -12.74 -0.31
CA LEU D 86 -25.27 -12.23 -1.43
C LEU D 86 -25.62 -10.81 -1.78
N LEU D 87 -26.89 -10.46 -1.66
CA LEU D 87 -27.30 -9.07 -1.90
C LEU D 87 -26.80 -8.22 -0.74
N GLN D 88 -26.94 -8.73 0.48
CA GLN D 88 -26.36 -8.06 1.62
C GLN D 88 -24.85 -7.82 1.37
N PHE D 89 -24.17 -8.83 0.83
CA PHE D 89 -22.75 -8.69 0.46
C PHE D 89 -22.43 -7.58 -0.56
N ALA D 90 -23.18 -7.57 -1.65
CA ALA D 90 -23.07 -6.53 -2.68
C ALA D 90 -23.03 -5.12 -2.09
N TYR D 91 -23.80 -4.89 -1.04
CA TYR D 91 -23.96 -3.57 -0.46
C TYR D 91 -23.17 -3.32 0.84
N THR D 92 -22.34 -4.28 1.27
CA THR D 92 -21.60 -4.14 2.54
C THR D 92 -20.18 -4.68 2.54
N ALA D 93 -19.83 -5.52 1.56
CA ALA D 93 -18.51 -6.16 1.50
C ALA D 93 -18.34 -7.28 2.54
N LYS D 94 -19.42 -7.60 3.25
CA LYS D 94 -19.42 -8.70 4.21
C LYS D 94 -20.45 -9.77 3.83
N LEU D 95 -20.04 -11.03 3.96
CA LEU D 95 -20.91 -12.16 3.66
C LEU D 95 -21.03 -13.08 4.87
N LEU D 96 -22.27 -13.29 5.32
CA LEU D 96 -22.55 -14.09 6.51
C LEU D 96 -22.96 -15.51 6.17
N LEU D 97 -22.09 -16.47 6.50
CA LEU D 97 -22.33 -17.86 6.16
C LEU D 97 -22.53 -18.70 7.43
N SER D 98 -23.36 -19.73 7.32
CA SER D 98 -23.52 -20.72 8.36
C SER D 98 -23.22 -22.07 7.75
N ARG D 99 -23.21 -23.12 8.58
CA ARG D 99 -23.10 -24.51 8.14
C ARG D 99 -24.15 -24.84 7.08
N GLU D 100 -25.38 -24.34 7.31
CA GLU D 100 -26.56 -24.67 6.49
C GLU D 100 -26.66 -23.85 5.21
N ASN D 101 -26.28 -22.57 5.31
CA ASN D 101 -26.27 -21.61 4.20
C ASN D 101 -25.31 -21.93 3.09
N ILE D 102 -24.11 -22.35 3.49
CA ILE D 102 -22.92 -22.12 2.69
C ILE D 102 -23.00 -22.63 1.26
N ARG D 103 -23.46 -23.88 1.10
CA ARG D 103 -23.50 -24.48 -0.21
C ARG D 103 -24.44 -23.70 -1.15
N GLU D 104 -25.68 -23.49 -0.70
CA GLU D 104 -26.70 -22.74 -1.46
C GLU D 104 -26.20 -21.35 -1.87
N VAL D 105 -25.52 -20.65 -0.95
CA VAL D 105 -24.91 -19.36 -1.23
C VAL D 105 -23.81 -19.48 -2.29
N ILE D 106 -22.93 -20.47 -2.17
CA ILE D 106 -21.93 -20.72 -3.21
C ILE D 106 -22.58 -20.92 -4.57
N ARG D 107 -23.58 -21.81 -4.63
CA ARG D 107 -24.28 -22.11 -5.87
CA ARG D 107 -24.27 -22.10 -5.88
C ARG D 107 -24.97 -20.86 -6.42
N CYS D 108 -25.51 -20.05 -5.52
CA CYS D 108 -26.20 -18.85 -5.92
C CYS D 108 -25.21 -17.83 -6.45
N ALA D 109 -24.03 -17.81 -5.84
CA ALA D 109 -22.94 -16.89 -6.25
C ALA D 109 -22.42 -17.23 -7.63
N GLU D 110 -22.33 -18.51 -7.92
CA GLU D 110 -21.82 -19.00 -9.19
C GLU D 110 -22.80 -18.74 -10.33
N PHE D 111 -24.08 -18.95 -10.07
CA PHE D 111 -25.13 -18.64 -11.02
C PHE D 111 -25.18 -17.13 -11.38
N LEU D 112 -25.15 -16.27 -10.36
CA LEU D 112 -25.11 -14.80 -10.53
C LEU D 112 -23.74 -14.24 -10.95
N ARG D 113 -22.71 -15.09 -10.91
CA ARG D 113 -21.35 -14.72 -11.29
C ARG D 113 -20.93 -13.45 -10.56
N MET D 114 -21.22 -13.45 -9.25
CA MET D 114 -20.83 -12.38 -8.35
C MET D 114 -19.32 -12.26 -8.40
N HIS D 115 -18.84 -11.02 -8.34
CA HIS D 115 -17.42 -10.71 -8.27
C HIS D 115 -16.96 -10.66 -6.82
N ASN D 116 -15.64 -10.68 -6.63
CA ASN D 116 -14.99 -10.30 -5.35
C ASN D 116 -15.10 -11.33 -4.22
N LEU D 117 -15.39 -12.57 -4.59
CA LEU D 117 -15.36 -13.66 -3.65
C LEU D 117 -14.25 -14.66 -4.00
N GLU D 118 -13.21 -14.20 -4.72
CA GLU D 118 -12.09 -15.07 -5.11
C GLU D 118 -11.23 -15.36 -3.89
N ASP D 119 -11.01 -14.32 -3.09
CA ASP D 119 -10.24 -14.41 -1.86
C ASP D 119 -10.99 -15.14 -0.75
N SER D 120 -12.28 -15.39 -0.99
CA SER D 120 -13.13 -16.15 -0.06
C SER D 120 -12.80 -17.62 -0.11
N CYS D 121 -12.81 -18.24 1.07
CA CYS D 121 -12.48 -19.67 1.23
C CYS D 121 -13.37 -20.62 0.42
N PHE D 122 -14.59 -20.14 0.12
CA PHE D 122 -15.46 -20.60 -0.98
C PHE D 122 -16.89 -20.15 -0.75
N MET E 7 -4.45 -21.15 -4.17
CA MET E 7 -5.54 -20.60 -3.31
C MET E 7 -5.01 -19.65 -2.20
N TYR E 8 -5.74 -19.61 -1.08
CA TYR E 8 -5.69 -18.54 -0.09
C TYR E 8 -4.34 -18.22 0.54
N VAL E 9 -4.22 -16.98 1.00
CA VAL E 9 -3.08 -16.48 1.75
C VAL E 9 -3.66 -15.79 2.99
N TYR E 10 -3.62 -16.48 4.12
CA TYR E 10 -4.16 -15.93 5.37
C TYR E 10 -3.09 -15.12 6.08
N GLU E 11 -3.43 -13.87 6.38
CA GLU E 11 -2.53 -12.98 7.10
C GLU E 11 -3.15 -12.56 8.43
N SER E 12 -2.59 -13.07 9.52
CA SER E 12 -3.06 -12.73 10.85
C SER E 12 -2.52 -11.36 11.23
N THR E 13 -3.44 -10.45 11.57
CA THR E 13 -3.02 -9.13 12.02
C THR E 13 -2.78 -9.11 13.53
N VAL E 14 -3.04 -10.24 14.19
CA VAL E 14 -2.79 -10.35 15.64
C VAL E 14 -1.56 -11.22 16.01
N HIS E 15 -1.09 -12.05 15.07
CA HIS E 15 -0.03 -13.04 15.36
C HIS E 15 1.20 -12.41 16.00
N CYS E 16 1.78 -11.42 15.32
CA CYS E 16 3.01 -10.80 15.78
C CYS E 16 2.91 -10.28 17.21
N THR E 17 1.94 -9.42 17.43
CA THR E 17 1.60 -8.88 18.76
C THR E 17 1.45 -9.95 19.84
N ASN E 18 0.79 -11.06 19.50
CA ASN E 18 0.62 -12.18 20.44
C ASN E 18 1.92 -12.92 20.76
N ILE E 19 2.75 -13.13 19.74
CA ILE E 19 4.07 -13.75 19.95
C ILE E 19 4.89 -12.92 20.93
N LEU E 20 4.90 -11.61 20.70
CA LEU E 20 5.65 -10.69 21.52
C LEU E 20 5.05 -10.63 22.93
N LEU E 21 3.73 -10.64 23.04
CA LEU E 21 3.06 -10.72 24.34
C LEU E 21 3.44 -12.03 25.07
N GLY E 22 3.62 -13.11 24.28
CA GLY E 22 4.02 -14.41 24.82
C GLY E 22 5.48 -14.42 25.26
N LEU E 23 6.36 -13.90 24.39
CA LEU E 23 7.79 -13.73 24.70
C LEU E 23 8.06 -12.81 25.90
N ASN E 24 7.23 -11.78 26.09
CA ASN E 24 7.29 -10.89 27.25
C ASN E 24 6.81 -11.61 28.52
N ASP E 25 5.75 -12.42 28.38
CA ASP E 25 5.23 -13.23 29.48
C ASP E 25 6.32 -14.18 29.98
N GLN E 26 6.99 -14.85 29.04
CA GLN E 26 8.10 -15.73 29.38
C GLN E 26 9.19 -14.96 30.11
N ARG E 27 9.52 -13.79 29.60
CA ARG E 27 10.58 -12.98 30.19
C ARG E 27 10.28 -12.62 31.65
N LYS E 28 9.03 -12.26 31.93
CA LYS E 28 8.66 -11.78 33.27
C LYS E 28 8.61 -12.90 34.31
N LYS E 29 8.27 -14.11 33.86
CA LYS E 29 8.19 -15.27 34.74
C LYS E 29 9.49 -16.07 34.80
N ASP E 30 10.52 -15.59 34.09
CA ASP E 30 11.79 -16.32 33.87
C ASP E 30 11.56 -17.77 33.46
N ILE E 31 10.80 -17.94 32.37
CA ILE E 31 10.61 -19.23 31.77
C ILE E 31 11.12 -19.17 30.33
N LEU E 32 11.80 -20.23 29.91
CA LEU E 32 12.28 -20.40 28.54
C LEU E 32 13.23 -19.31 28.03
N CYS E 33 13.91 -18.63 28.94
CA CYS E 33 14.94 -17.64 28.57
C CYS E 33 16.32 -18.33 28.55
N ASP E 34 17.33 -17.64 28.01
CA ASP E 34 18.62 -18.26 27.80
C ASP E 34 19.79 -17.36 28.19
N VAL E 35 19.50 -16.14 28.64
CA VAL E 35 20.58 -15.23 28.99
C VAL E 35 20.24 -14.32 30.17
N THR E 36 21.23 -14.09 31.02
CA THR E 36 21.14 -13.13 32.10
C THR E 36 22.01 -11.94 31.72
N LEU E 37 21.45 -10.74 31.80
CA LEU E 37 22.22 -9.53 31.57
C LEU E 37 22.47 -8.82 32.89
N ILE E 38 23.73 -8.48 33.14
CA ILE E 38 24.09 -7.69 34.30
C ILE E 38 24.32 -6.25 33.83
N VAL E 39 23.54 -5.34 34.41
CA VAL E 39 23.59 -3.94 34.05
C VAL E 39 23.61 -3.19 35.37
N GLU E 40 24.76 -2.58 35.71
CA GLU E 40 24.85 -1.79 36.94
C GLU E 40 24.37 -2.60 38.18
N ARG E 41 24.80 -3.87 38.22
CA ARG E 41 24.44 -4.84 39.30
C ARG E 41 23.00 -5.40 39.29
N LYS E 42 22.09 -4.82 38.51
CA LYS E 42 20.73 -5.37 38.36
C LYS E 42 20.78 -6.53 37.37
N GLU E 43 19.91 -7.51 37.56
CA GLU E 43 19.83 -8.64 36.62
C GLU E 43 18.59 -8.59 35.74
N PHE E 44 18.75 -9.02 34.49
CA PHE E 44 17.62 -9.11 33.53
C PHE E 44 17.70 -10.41 32.77
N ARG E 45 16.67 -11.24 32.90
CA ARG E 45 16.53 -12.41 32.06
C ARG E 45 15.93 -12.02 30.71
N ALA E 46 16.39 -12.65 29.64
CA ALA E 46 15.90 -12.38 28.28
C ALA E 46 16.22 -13.53 27.30
N HIS E 47 15.69 -13.42 26.07
CA HIS E 47 16.08 -14.30 24.95
C HIS E 47 17.14 -13.65 24.09
N ARG E 48 18.28 -14.31 23.92
CA ARG E 48 19.35 -13.76 23.06
C ARG E 48 18.93 -13.53 21.62
N ALA E 49 17.99 -14.33 21.12
CA ALA E 49 17.53 -14.21 19.74
C ALA E 49 16.69 -12.94 19.55
N VAL E 50 15.94 -12.59 20.59
CA VAL E 50 15.10 -11.40 20.61
C VAL E 50 15.98 -10.17 20.69
N LEU E 51 16.93 -10.20 21.63
CA LEU E 51 17.91 -9.12 21.84
C LEU E 51 18.71 -8.87 20.58
N ALA E 52 19.15 -9.96 19.94
CA ALA E 52 19.90 -9.90 18.71
C ALA E 52 19.10 -9.25 17.58
N ALA E 53 17.82 -9.58 17.51
CA ALA E 53 16.92 -9.07 16.45
C ALA E 53 16.58 -7.58 16.61
N CYS E 54 16.86 -7.01 17.78
CA CYS E 54 16.39 -5.67 18.10
C CYS E 54 17.52 -4.64 18.23
N SER E 55 18.77 -5.12 18.25
CA SER E 55 19.93 -4.29 18.59
C SER E 55 21.19 -4.81 17.90
N GLU E 56 21.85 -3.95 17.12
CA GLU E 56 23.14 -4.30 16.48
C GLU E 56 24.15 -4.74 17.55
N TYR E 57 24.22 -4.03 18.66
CA TYR E 57 25.15 -4.36 19.72
C TYR E 57 24.92 -5.79 20.22
N PHE E 58 23.69 -6.08 20.64
CA PHE E 58 23.39 -7.41 21.15
C PHE E 58 23.65 -8.49 20.13
N TRP E 59 23.31 -8.25 18.87
CA TRP E 59 23.64 -9.21 17.81
C TRP E 59 25.10 -9.63 17.90
N GLN E 60 25.99 -8.64 17.76
CA GLN E 60 27.43 -8.89 17.75
C GLN E 60 27.92 -9.55 19.04
N ALA E 61 27.25 -9.24 20.14
CA ALA E 61 27.65 -9.75 21.44
C ALA E 61 27.17 -11.19 21.71
N LEU E 62 26.12 -11.61 20.99
CA LEU E 62 25.47 -12.88 21.32
C LEU E 62 25.62 -14.01 20.32
N VAL E 63 26.10 -13.71 19.12
CA VAL E 63 26.16 -14.68 18.02
C VAL E 63 26.66 -16.11 18.36
N GLY E 64 27.89 -16.20 18.85
CA GLY E 64 28.52 -17.52 19.01
C GLY E 64 28.84 -17.87 20.44
N GLN E 65 27.79 -17.94 21.26
CA GLN E 65 27.97 -18.06 22.72
C GLN E 65 27.44 -19.37 23.31
N THR E 66 27.78 -19.59 24.59
CA THR E 66 27.45 -20.83 25.29
C THR E 66 25.98 -20.89 25.67
N LYS E 67 25.39 -22.05 25.40
CA LYS E 67 24.00 -22.34 25.78
C LYS E 67 23.90 -22.73 27.26
N ASN E 68 25.03 -22.74 27.95
N ASN E 68 25.02 -22.69 27.96
CA ASN E 68 25.09 -23.19 29.34
CA ASN E 68 25.13 -23.17 29.33
C ASN E 68 25.17 -22.03 30.33
C ASN E 68 25.17 -22.03 30.34
N ASP E 69 23.99 -21.48 30.65
CA ASP E 69 23.83 -20.38 31.62
C ASP E 69 24.60 -19.13 31.23
N LEU E 70 24.29 -18.58 30.06
CA LEU E 70 24.94 -17.34 29.61
C LEU E 70 24.60 -16.14 30.48
N VAL E 71 25.64 -15.50 30.99
CA VAL E 71 25.55 -14.27 31.76
C VAL E 71 26.41 -13.28 31.01
N VAL E 72 25.80 -12.21 30.50
CA VAL E 72 26.54 -11.16 29.78
C VAL E 72 26.51 -9.86 30.57
N SER E 73 27.68 -9.32 30.90
CA SER E 73 27.75 -8.04 31.59
C SER E 73 27.83 -6.86 30.64
N LEU E 74 26.97 -5.87 30.88
CA LEU E 74 26.95 -4.67 30.05
C LEU E 74 27.86 -3.60 30.63
N PRO E 75 28.65 -2.92 29.77
CA PRO E 75 29.64 -1.94 30.22
C PRO E 75 29.02 -0.71 30.90
N GLU E 76 29.84 0.04 31.62
CA GLU E 76 29.43 1.16 32.47
C GLU E 76 28.38 2.09 31.87
N GLU E 77 28.47 2.34 30.56
CA GLU E 77 27.66 3.38 29.94
C GLU E 77 26.21 2.93 29.76
N VAL E 78 25.97 1.64 29.93
CA VAL E 78 24.61 1.13 29.93
C VAL E 78 24.16 1.10 31.39
N THR E 79 23.24 1.99 31.75
CA THR E 79 22.77 2.06 33.13
C THR E 79 21.46 1.32 33.26
N ALA E 80 21.08 0.94 34.47
CA ALA E 80 19.82 0.24 34.69
C ALA E 80 18.63 1.14 34.38
N ARG E 81 18.81 2.42 34.65
CA ARG E 81 17.81 3.47 34.40
C ARG E 81 17.57 3.68 32.90
N GLY E 82 18.63 3.50 32.10
CA GLY E 82 18.58 3.79 30.68
C GLY E 82 18.16 2.57 29.89
N PHE E 83 18.59 1.40 30.37
CA PHE E 83 18.32 0.13 29.71
C PHE E 83 16.90 -0.33 30.01
N GLY E 84 16.51 -0.19 31.27
CA GLY E 84 15.18 -0.61 31.73
C GLY E 84 14.05 -0.47 30.74
N PRO E 85 13.75 0.76 30.30
CA PRO E 85 12.65 0.94 29.33
C PRO E 85 12.95 0.44 27.91
N LEU E 86 14.22 0.32 27.54
CA LEU E 86 14.59 -0.23 26.23
C LEU E 86 14.36 -1.74 26.10
N LEU E 87 14.75 -2.50 27.12
CA LEU E 87 14.37 -3.91 27.20
C LEU E 87 12.85 -4.06 27.15
N GLN E 88 12.17 -3.11 27.74
CA GLN E 88 10.72 -3.13 27.73
C GLN E 88 10.13 -2.81 26.35
N PHE E 89 10.70 -1.81 25.68
CA PHE E 89 10.37 -1.55 24.26
C PHE E 89 10.61 -2.78 23.39
N ALA E 90 11.74 -3.44 23.58
CA ALA E 90 12.15 -4.56 22.71
C ALA E 90 11.10 -5.65 22.72
N TYR E 91 10.44 -5.82 23.87
CA TYR E 91 9.50 -6.89 24.08
C TYR E 91 8.03 -6.50 23.98
N THR E 92 7.75 -5.20 23.81
CA THR E 92 6.36 -4.72 23.67
C THR E 92 6.09 -3.81 22.46
N ALA E 93 7.11 -3.12 21.92
CA ALA E 93 6.93 -2.20 20.77
C ALA E 93 6.52 -0.81 21.25
N LYS E 94 6.60 -0.60 22.56
CA LYS E 94 6.15 0.63 23.17
C LYS E 94 7.19 1.18 24.13
N LEU E 95 7.38 2.49 24.07
CA LEU E 95 8.34 3.18 24.94
C LEU E 95 7.65 4.40 25.55
N LEU E 96 7.50 4.36 26.88
CA LEU E 96 6.93 5.45 27.66
C LEU E 96 8.07 6.13 28.41
N LEU E 97 8.28 7.42 28.12
CA LEU E 97 9.37 8.22 28.69
C LEU E 97 8.86 9.53 29.26
N SER E 98 9.66 10.13 30.12
CA SER E 98 9.36 11.41 30.75
C SER E 98 10.55 12.35 30.61
N ARG E 99 10.37 13.61 30.97
CA ARG E 99 11.46 14.57 30.98
C ARG E 99 12.65 14.12 31.84
N GLU E 100 12.36 13.29 32.84
CA GLU E 100 13.36 12.78 33.75
C GLU E 100 14.36 11.84 33.08
N ASN E 101 13.86 10.94 32.23
CA ASN E 101 14.66 9.83 31.72
C ASN E 101 14.88 9.83 30.20
N ILE E 102 14.30 10.81 29.50
CA ILE E 102 14.39 10.89 28.05
C ILE E 102 15.83 10.85 27.54
N ARG E 103 16.67 11.75 28.04
CA ARG E 103 18.10 11.79 27.68
C ARG E 103 18.85 10.48 27.96
N GLU E 104 18.81 10.02 29.21
CA GLU E 104 19.48 8.76 29.60
C GLU E 104 19.07 7.55 28.73
N VAL E 105 17.76 7.36 28.57
CA VAL E 105 17.24 6.24 27.77
C VAL E 105 17.73 6.25 26.32
N ILE E 106 17.64 7.41 25.66
CA ILE E 106 18.00 7.53 24.26
C ILE E 106 19.52 7.43 24.04
N ARG E 107 20.28 7.96 24.98
CA ARG E 107 21.74 7.78 25.00
C ARG E 107 22.10 6.29 25.12
N CYS E 108 21.34 5.55 25.92
CA CYS E 108 21.55 4.10 26.05
C CYS E 108 21.17 3.38 24.75
N ALA E 109 20.05 3.80 24.15
CA ALA E 109 19.60 3.27 22.86
C ALA E 109 20.68 3.39 21.78
N GLU E 110 21.31 4.57 21.70
CA GLU E 110 22.36 4.82 20.70
C GLU E 110 23.53 3.89 20.91
N PHE E 111 23.92 3.70 22.16
CA PHE E 111 25.02 2.80 22.47
C PHE E 111 24.67 1.35 22.14
N LEU E 112 23.49 0.90 22.57
CA LEU E 112 22.99 -0.45 22.26
C LEU E 112 22.67 -0.61 20.78
N ARG E 113 22.47 0.52 20.10
CA ARG E 113 22.09 0.55 18.69
C ARG E 113 20.76 -0.18 18.50
N MET E 114 19.76 0.29 19.23
CA MET E 114 18.44 -0.28 19.18
C MET E 114 17.77 0.10 17.87
N HIS E 115 17.09 -0.88 17.27
CA HIS E 115 16.31 -0.67 16.06
C HIS E 115 14.90 -0.15 16.35
N ASN E 116 14.27 0.33 15.29
CA ASN E 116 12.83 0.63 15.27
C ASN E 116 12.48 1.86 16.08
N LEU E 117 13.49 2.71 16.29
CA LEU E 117 13.33 3.97 17.01
C LEU E 117 13.28 5.22 16.15
N GLU E 118 13.69 5.12 14.88
CA GLU E 118 13.72 6.25 13.95
C GLU E 118 12.38 6.99 13.86
N ASP E 119 11.29 6.23 13.85
CA ASP E 119 9.94 6.74 13.61
C ASP E 119 9.36 7.55 14.76
N SER E 120 10.04 7.56 15.91
CA SER E 120 9.52 8.24 17.10
C SER E 120 9.58 9.77 16.96
N CYS E 121 8.95 10.47 17.87
CA CYS E 121 9.00 11.94 17.92
CA CYS E 121 9.05 11.93 17.83
C CYS E 121 10.21 12.44 18.70
N PHE E 122 11.09 11.53 19.16
CA PHE E 122 12.24 11.91 19.98
C PHE E 122 13.52 12.21 19.16
N SER E 123 14.08 13.40 19.34
CA SER E 123 15.39 13.68 18.72
C SER E 123 16.45 13.94 19.80
N PHE E 124 17.67 13.49 19.50
CA PHE E 124 18.79 13.46 20.43
C PHE E 124 19.99 14.21 19.80
N LEU E 125 20.32 15.39 20.34
CA LEU E 125 21.43 16.22 19.82
C LEU E 125 22.73 16.05 20.62
N SER F 5 3.78 14.84 35.74
CA SER F 5 4.87 15.24 34.80
C SER F 5 4.64 14.56 33.44
N PRO F 6 4.36 15.35 32.38
CA PRO F 6 3.95 14.86 31.04
C PRO F 6 4.72 13.63 30.57
N MET F 7 3.98 12.60 30.14
CA MET F 7 4.56 11.40 29.58
C MET F 7 4.65 11.51 28.07
N TYR F 8 5.70 10.90 27.50
CA TYR F 8 5.87 10.83 26.06
C TYR F 8 5.83 9.38 25.65
N VAL F 9 4.78 9.03 24.91
CA VAL F 9 4.51 7.64 24.55
C VAL F 9 4.86 7.42 23.09
N TYR F 10 5.52 6.32 22.82
CA TYR F 10 5.85 5.97 21.44
C TYR F 10 5.48 4.53 21.17
N GLU F 11 4.66 4.31 20.15
CA GLU F 11 4.26 2.97 19.75
C GLU F 11 4.74 2.70 18.33
N SER F 12 5.76 1.86 18.21
CA SER F 12 6.37 1.55 16.93
C SER F 12 5.50 0.58 16.14
N THR F 13 5.01 1.01 14.98
CA THR F 13 4.13 0.17 14.17
C THR F 13 4.88 -0.90 13.38
N VAL F 14 6.21 -0.83 13.37
CA VAL F 14 7.03 -1.78 12.59
C VAL F 14 7.86 -2.71 13.47
N HIS F 15 7.98 -2.41 14.76
CA HIS F 15 8.91 -3.12 15.62
C HIS F 15 8.65 -4.62 15.69
N CYS F 16 7.41 -4.98 15.97
CA CYS F 16 7.03 -6.38 15.99
C CYS F 16 7.46 -7.07 14.71
N THR F 17 7.04 -6.54 13.58
CA THR F 17 7.36 -7.14 12.28
C THR F 17 8.86 -7.27 12.02
N ASN F 18 9.63 -6.26 12.41
CA ASN F 18 11.07 -6.31 12.21
C ASN F 18 11.75 -7.31 13.12
N ILE F 19 11.14 -7.58 14.28
CA ILE F 19 11.60 -8.64 15.17
C ILE F 19 11.36 -10.02 14.55
N LEU F 20 10.16 -10.24 14.04
CA LEU F 20 9.81 -11.51 13.43
C LEU F 20 10.68 -11.77 12.20
N LEU F 21 10.86 -10.77 11.34
CA LEU F 21 11.79 -10.89 10.21
C LEU F 21 13.22 -11.19 10.72
N GLY F 22 13.60 -10.62 11.85
CA GLY F 22 14.86 -10.99 12.48
C GLY F 22 14.85 -12.47 12.86
N LEU F 23 13.85 -12.90 13.63
CA LEU F 23 13.77 -14.27 14.11
C LEU F 23 13.71 -15.27 12.94
N ASN F 24 12.91 -14.98 11.92
CA ASN F 24 12.87 -15.82 10.73
C ASN F 24 14.19 -15.93 9.94
N ASP F 25 14.90 -14.82 9.81
CA ASP F 25 16.18 -14.81 9.09
C ASP F 25 17.21 -15.65 9.85
N GLN F 26 17.12 -15.61 11.18
CA GLN F 26 17.98 -16.38 12.04
C GLN F 26 17.70 -17.87 11.81
N ARG F 27 16.43 -18.23 11.85
CA ARG F 27 15.99 -19.59 11.64
C ARG F 27 16.53 -20.12 10.32
N LYS F 28 16.33 -19.36 9.25
CA LYS F 28 16.72 -19.79 7.92
C LYS F 28 18.24 -19.91 7.73
N LYS F 29 18.99 -19.17 8.53
CA LYS F 29 20.46 -19.20 8.48
C LYS F 29 21.08 -20.09 9.56
N ASP F 30 20.23 -20.71 10.37
CA ASP F 30 20.67 -21.47 11.55
C ASP F 30 21.66 -20.67 12.39
N ILE F 31 21.24 -19.47 12.76
CA ILE F 31 22.01 -18.60 13.66
C ILE F 31 21.17 -18.41 14.90
N LEU F 32 21.80 -18.53 16.07
CA LEU F 32 21.13 -18.25 17.35
C LEU F 32 19.84 -19.08 17.57
N CYS F 33 19.78 -20.28 16.96
CA CYS F 33 18.67 -21.16 17.22
C CYS F 33 19.04 -22.06 18.38
N ASP F 34 18.04 -22.73 18.95
CA ASP F 34 18.24 -23.58 20.09
C ASP F 34 17.47 -24.92 20.03
N VAL F 35 16.78 -25.20 18.94
CA VAL F 35 16.05 -26.49 18.82
C VAL F 35 16.14 -27.04 17.41
N THR F 36 16.33 -28.36 17.31
CA THR F 36 16.17 -29.07 16.05
C THR F 36 14.87 -29.87 16.06
N LEU F 37 13.94 -29.48 15.21
CA LEU F 37 12.69 -30.21 15.04
C LEU F 37 12.87 -31.29 13.99
N ILE F 38 12.24 -32.46 14.22
CA ILE F 38 12.23 -33.53 13.24
C ILE F 38 10.79 -33.89 12.93
N VAL F 39 10.43 -33.72 11.66
CA VAL F 39 9.08 -34.01 11.21
C VAL F 39 9.20 -34.84 9.94
N GLU F 40 8.57 -36.03 9.97
CA GLU F 40 8.69 -37.03 8.89
C GLU F 40 10.11 -37.17 8.31
N ARG F 41 11.07 -37.26 9.23
CA ARG F 41 12.49 -37.44 8.90
C ARG F 41 13.19 -36.17 8.41
N LYS F 42 12.50 -35.04 8.43
CA LYS F 42 13.10 -33.80 7.95
C LYS F 42 13.39 -32.85 9.11
N GLU F 43 14.52 -32.15 9.01
CA GLU F 43 14.99 -31.26 10.06
C GLU F 43 14.55 -29.82 9.87
N PHE F 44 14.18 -29.17 10.98
CA PHE F 44 13.89 -27.75 11.01
C PHE F 44 14.55 -27.15 12.23
N ARG F 45 15.42 -26.16 12.02
CA ARG F 45 15.95 -25.37 13.13
C ARG F 45 14.93 -24.30 13.55
N ALA F 46 14.89 -23.99 14.86
CA ALA F 46 13.93 -23.02 15.44
C ALA F 46 14.25 -22.57 16.86
N HIS F 47 13.42 -21.69 17.40
CA HIS F 47 13.53 -21.16 18.78
C HIS F 47 12.36 -21.67 19.64
N ARG F 48 12.69 -22.32 20.74
CA ARG F 48 11.67 -22.89 21.66
C ARG F 48 10.75 -21.81 22.19
N ALA F 49 11.33 -20.62 22.39
CA ALA F 49 10.59 -19.44 22.83
C ALA F 49 9.49 -19.08 21.83
N VAL F 50 9.86 -19.02 20.55
CA VAL F 50 8.92 -18.72 19.47
C VAL F 50 7.85 -19.81 19.37
N LEU F 51 8.29 -21.07 19.43
CA LEU F 51 7.37 -22.22 19.37
C LEU F 51 6.38 -22.27 20.52
N ALA F 52 6.88 -22.01 21.73
CA ALA F 52 6.03 -22.03 22.92
C ALA F 52 5.01 -20.89 22.90
N ALA F 53 5.40 -19.75 22.36
CA ALA F 53 4.50 -18.61 22.15
C ALA F 53 3.46 -18.87 21.08
N CYS F 54 3.84 -19.58 20.03
CA CYS F 54 2.92 -19.75 18.90
C CYS F 54 2.01 -20.94 19.11
N SER F 55 2.40 -21.84 20.02
CA SER F 55 1.72 -23.15 20.15
C SER F 55 1.66 -23.66 21.58
N GLU F 56 0.46 -24.07 21.97
CA GLU F 56 0.23 -24.64 23.30
C GLU F 56 0.88 -26.03 23.44
N TYR F 57 0.78 -26.83 22.38
CA TYR F 57 1.50 -28.10 22.36
C TYR F 57 3.00 -27.91 22.63
N PHE F 58 3.60 -26.90 21.98
CA PHE F 58 5.04 -26.69 22.14
C PHE F 58 5.40 -26.11 23.50
N TRP F 59 4.52 -25.29 24.06
CA TRP F 59 4.75 -24.76 25.40
C TRP F 59 4.93 -25.92 26.36
N GLN F 60 3.91 -26.80 26.41
CA GLN F 60 3.89 -27.95 27.31
C GLN F 60 5.07 -28.89 27.08
N ALA F 61 5.52 -28.98 25.83
CA ALA F 61 6.64 -29.87 25.46
C ALA F 61 8.02 -29.32 25.83
N LEU F 62 8.14 -28.00 25.88
CA LEU F 62 9.46 -27.38 25.97
C LEU F 62 9.75 -26.59 27.25
N VAL F 63 8.71 -26.25 28.01
CA VAL F 63 8.84 -25.32 29.15
C VAL F 63 9.89 -25.64 30.24
N GLY F 64 10.31 -26.89 30.39
CA GLY F 64 11.30 -27.21 31.42
C GLY F 64 12.43 -28.15 31.05
N GLN F 65 12.70 -28.30 29.75
CA GLN F 65 13.84 -29.11 29.31
C GLN F 65 15.15 -28.39 29.63
N THR F 66 16.28 -29.09 29.46
CA THR F 66 17.60 -28.52 29.73
C THR F 66 17.88 -27.31 28.85
N LYS F 67 18.94 -26.59 29.18
CA LYS F 67 19.32 -25.36 28.47
C LYS F 67 20.14 -25.63 27.18
N ASN F 68 20.53 -26.88 26.95
CA ASN F 68 21.20 -27.24 25.69
C ASN F 68 20.16 -27.39 24.58
N ASP F 69 20.61 -27.47 23.33
CA ASP F 69 19.70 -27.56 22.18
C ASP F 69 18.87 -28.85 22.27
N LEU F 70 17.56 -28.75 22.01
CA LEU F 70 16.68 -29.91 22.02
C LEU F 70 16.60 -30.56 20.65
N VAL F 71 16.50 -31.88 20.65
CA VAL F 71 16.17 -32.60 19.43
C VAL F 71 14.75 -33.14 19.62
N VAL F 72 13.83 -32.59 18.84
CA VAL F 72 12.40 -32.76 19.07
C VAL F 72 11.71 -33.50 17.93
N SER F 73 11.67 -34.83 17.99
CA SER F 73 10.97 -35.55 16.95
C SER F 73 9.50 -35.55 17.29
N LEU F 74 8.75 -34.90 16.41
CA LEU F 74 7.32 -34.81 16.54
C LEU F 74 6.65 -36.13 16.17
N PRO F 75 5.51 -36.42 16.82
CA PRO F 75 4.80 -37.66 16.55
C PRO F 75 4.20 -37.74 15.13
N GLU F 76 3.62 -38.90 14.83
CA GLU F 76 3.17 -39.27 13.49
C GLU F 76 2.06 -38.38 12.94
N GLU F 77 1.23 -37.85 13.83
CA GLU F 77 0.15 -36.92 13.47
C GLU F 77 0.66 -35.66 12.77
N VAL F 78 1.94 -35.36 12.92
CA VAL F 78 2.52 -34.18 12.32
C VAL F 78 3.27 -34.63 11.07
N THR F 79 2.81 -34.13 9.91
CA THR F 79 3.39 -34.47 8.63
C THR F 79 4.16 -33.28 8.05
N ALA F 80 5.01 -33.55 7.08
CA ALA F 80 5.77 -32.51 6.42
C ALA F 80 4.87 -31.52 5.66
N ARG F 81 3.81 -32.04 5.04
CA ARG F 81 2.89 -31.23 4.24
C ARG F 81 2.08 -30.26 5.10
N GLY F 82 1.77 -30.69 6.32
CA GLY F 82 1.00 -29.88 7.26
C GLY F 82 1.83 -28.95 8.15
N PHE F 83 3.04 -29.39 8.52
CA PHE F 83 3.91 -28.63 9.42
C PHE F 83 4.68 -27.53 8.74
N GLY F 84 5.27 -27.83 7.58
CA GLY F 84 5.98 -26.84 6.76
C GLY F 84 5.35 -25.45 6.77
N PRO F 85 4.11 -25.32 6.28
CA PRO F 85 3.48 -24.00 6.28
C PRO F 85 3.20 -23.42 7.68
N LEU F 86 2.89 -24.26 8.67
CA LEU F 86 2.65 -23.77 10.04
C LEU F 86 3.90 -23.22 10.72
N LEU F 87 5.06 -23.83 10.45
CA LEU F 87 6.29 -23.30 10.99
C LEU F 87 6.53 -21.91 10.39
N GLN F 88 6.26 -21.80 9.10
CA GLN F 88 6.48 -20.56 8.36
C GLN F 88 5.48 -19.46 8.80
N PHE F 89 4.24 -19.84 9.07
CA PHE F 89 3.29 -18.94 9.72
C PHE F 89 3.79 -18.44 11.05
N ALA F 90 4.24 -19.35 11.90
CA ALA F 90 4.74 -18.98 13.21
C ALA F 90 5.74 -17.84 13.08
N TYR F 91 6.55 -17.85 12.02
CA TYR F 91 7.64 -16.92 11.88
C TYR F 91 7.37 -15.71 11.01
N THR F 92 6.24 -15.67 10.30
CA THR F 92 5.96 -14.59 9.33
C THR F 92 4.56 -13.99 9.45
N ALA F 93 3.67 -14.69 10.16
CA ALA F 93 2.25 -14.33 10.29
C ALA F 93 1.43 -14.54 9.00
N LYS F 94 2.05 -15.15 7.98
CA LYS F 94 1.40 -15.47 6.69
C LYS F 94 1.35 -16.98 6.44
N LEU F 95 0.14 -17.49 6.20
CA LEU F 95 -0.09 -18.93 6.01
C LEU F 95 -0.52 -19.26 4.58
N LEU F 96 0.37 -19.89 3.81
CA LEU F 96 0.07 -20.19 2.39
C LEU F 96 -0.63 -21.53 2.21
N LEU F 97 -1.71 -21.50 1.43
CA LEU F 97 -2.62 -22.65 1.29
C LEU F 97 -2.91 -22.95 -0.17
N SER F 98 -3.07 -24.24 -0.46
CA SER F 98 -3.66 -24.70 -1.73
C SER F 98 -4.85 -25.62 -1.39
N ARG F 99 -5.46 -26.20 -2.43
CA ARG F 99 -6.58 -27.11 -2.22
C ARG F 99 -6.13 -28.46 -1.63
N GLU F 100 -5.12 -29.08 -2.26
CA GLU F 100 -4.57 -30.37 -1.80
C GLU F 100 -3.69 -30.22 -0.56
N ASN F 101 -4.03 -29.27 0.30
CA ASN F 101 -3.17 -28.83 1.39
C ASN F 101 -3.91 -28.50 2.67
N ILE F 102 -4.97 -27.69 2.55
CA ILE F 102 -5.65 -27.08 3.70
C ILE F 102 -6.13 -28.06 4.78
N ARG F 103 -6.57 -29.25 4.37
CA ARG F 103 -7.07 -30.25 5.29
C ARG F 103 -6.02 -30.61 6.36
N GLU F 104 -4.90 -31.18 5.93
CA GLU F 104 -3.86 -31.65 6.85
C GLU F 104 -3.17 -30.54 7.63
N VAL F 105 -3.02 -29.36 7.01
CA VAL F 105 -2.48 -28.18 7.70
C VAL F 105 -3.38 -27.80 8.87
N ILE F 106 -4.70 -27.88 8.66
CA ILE F 106 -5.65 -27.52 9.70
C ILE F 106 -5.72 -28.58 10.82
N ARG F 107 -5.73 -29.86 10.44
CA ARG F 107 -5.55 -30.95 11.42
C ARG F 107 -4.27 -30.75 12.23
N CYS F 108 -3.18 -30.48 11.55
CA CYS F 108 -1.90 -30.27 12.20
C CYS F 108 -1.89 -29.06 13.12
N ALA F 109 -2.50 -27.97 12.66
CA ALA F 109 -2.65 -26.76 13.45
C ALA F 109 -3.47 -27.00 14.70
N GLU F 110 -4.49 -27.85 14.58
CA GLU F 110 -5.34 -28.25 15.70
C GLU F 110 -4.59 -29.17 16.64
N PHE F 111 -3.85 -30.14 16.09
CA PHE F 111 -3.02 -31.01 16.91
C PHE F 111 -2.00 -30.19 17.72
N LEU F 112 -1.36 -29.22 17.07
CA LEU F 112 -0.35 -28.39 17.74
C LEU F 112 -0.93 -27.31 18.65
N ARG F 113 -2.25 -27.10 18.55
CA ARG F 113 -2.95 -26.02 19.25
C ARG F 113 -2.27 -24.67 18.94
N MET F 114 -2.22 -24.40 17.64
CA MET F 114 -1.53 -23.26 17.06
C MET F 114 -2.39 -22.02 17.22
N HIS F 115 -1.90 -21.05 17.99
CA HIS F 115 -2.67 -19.83 18.28
C HIS F 115 -2.78 -18.92 17.06
N ASN F 116 -3.71 -17.96 17.15
CA ASN F 116 -3.83 -16.86 16.17
C ASN F 116 -4.30 -17.31 14.79
N LEU F 117 -5.03 -18.41 14.73
CA LEU F 117 -5.70 -18.83 13.50
C LEU F 117 -7.21 -18.70 13.66
N GLU F 118 -7.61 -17.88 14.63
CA GLU F 118 -9.01 -17.74 15.05
C GLU F 118 -9.85 -16.98 14.02
N ASP F 119 -11.13 -16.80 14.34
CA ASP F 119 -12.13 -16.01 13.56
C ASP F 119 -11.95 -16.11 12.02
N SER F 120 -11.50 -17.29 11.57
CA SER F 120 -11.21 -17.53 10.15
C SER F 120 -12.24 -18.52 9.58
N CYS F 121 -11.85 -19.25 8.53
CA CYS F 121 -12.78 -20.13 7.79
C CYS F 121 -12.44 -21.62 7.92
N PHE F 122 -13.13 -22.30 8.82
CA PHE F 122 -12.90 -23.73 9.02
C PHE F 122 -14.22 -24.52 9.09
N SER F 123 -14.93 -24.55 7.96
CA SER F 123 -16.21 -25.24 7.86
C SER F 123 -16.47 -25.82 6.46
#